data_5RLP
#
_entry.id   5RLP
#
_cell.length_a   59.200
_cell.length_b   70.258
_cell.length_c   85.676
_cell.angle_alpha   102.750
_cell.angle_beta   96.190
_cell.angle_gamma   112.400
#
_symmetry.space_group_name_H-M   'P 1'
#
loop_
_entity.id
_entity.type
_entity.pdbx_description
1 polymer Helicase
2 non-polymer 'ZINC ION'
3 non-polymer 'PHOSPHATE ION'
4 non-polymer (1S)-1-(4-fluorophenyl)-N-methylethan-1-amine
5 water water
#
_entity_poly.entity_id   1
_entity_poly.type   'polypeptide(L)'
_entity_poly.pdbx_seq_one_letter_code
;AVGACVLCNSQTSLRCGACIRRPFLCCKCCYDHVISTSHKLVLSVNPYVCNAPGCDVTDVTQLYLGGMSYYCKSHKPPIS
FPLCANGQVFGLYKNTCVGSDNVTDFNAIATCDWTNAGDYILANTCTERLKLFAAETLKATEETFKLSYGIATVREVLSD
RELHLSWEVGKPRPPLNRNYVFTGYRVTKNSKVQIGEYTFEKGDYGDAVVYRGTTTYKLNVGDYFVLTSHTVMPLSAPTL
VPQEHYVRITGLYPTLNISDEFSSNVANYQKVGMQKYSTLQGPPGTGKSHFAIGLALYYPSARIVYTACSHAAVDALCEK
ALKYLPIDKCSRIIPARARVECFDKFKVNSTLEQYVFCTVNALPETTADIVVFDEISMATNYDLSVVNARLRAKHYVYIG
DPAQLPAPRTLLTKGTLEPEYFNSVCRLMKTIGPDMFLGTCRRCPAEIVDTVSALVYDNKLKAHKDKSAQCFKMFYKGVI
THDVSSAINRPQIGVVREFLTRNPAWRKAVFISPYNSQNAVASKILGLPTQTVDSSQGSEYDYVIFTQTTETAHSCNVNR
FNVAITRAKVGILCIMSDRDLYDKLQFTSLEIPRRNVATLQ
;
_entity_poly.pdbx_strand_id   A,B
#
# COMPACT_ATOMS: atom_id res chain seq x y z
N ALA A 1 -27.36 -5.61 -2.49
CA ALA A 1 -27.73 -6.99 -2.75
C ALA A 1 -27.85 -7.30 -4.25
N VAL A 2 -27.05 -6.62 -5.07
CA VAL A 2 -27.08 -6.85 -6.52
C VAL A 2 -25.76 -7.48 -6.92
N GLY A 3 -25.80 -8.71 -7.40
CA GLY A 3 -24.56 -9.35 -7.83
C GLY A 3 -24.74 -10.44 -8.86
N ALA A 4 -23.63 -11.06 -9.26
CA ALA A 4 -23.63 -12.13 -10.25
C ALA A 4 -23.32 -13.49 -9.60
N CYS A 5 -24.01 -14.53 -10.09
CA CYS A 5 -23.91 -15.90 -9.61
C CYS A 5 -22.53 -16.51 -9.77
N VAL A 6 -21.93 -16.91 -8.64
CA VAL A 6 -20.62 -17.51 -8.63
C VAL A 6 -20.55 -18.86 -9.34
N LEU A 7 -21.66 -19.41 -9.84
CA LEU A 7 -21.67 -20.69 -10.56
C LEU A 7 -22.01 -20.54 -12.04
N CYS A 8 -23.07 -19.76 -12.39
CA CYS A 8 -23.46 -19.64 -13.80
C CYS A 8 -23.66 -18.17 -14.28
N ASN A 9 -23.23 -17.16 -13.47
CA ASN A 9 -23.19 -15.70 -13.77
C ASN A 9 -24.55 -14.98 -13.80
N SER A 10 -25.67 -15.72 -13.80
CA SER A 10 -27.02 -15.14 -13.84
C SER A 10 -27.22 -14.18 -12.65
N GLN A 11 -27.42 -12.88 -12.92
CA GLN A 11 -27.57 -11.88 -11.87
C GLN A 11 -28.67 -12.25 -10.84
N THR A 12 -28.43 -11.96 -9.55
CA THR A 12 -29.39 -12.34 -8.51
C THR A 12 -29.34 -11.47 -7.26
N SER A 13 -30.47 -11.43 -6.54
CA SER A 13 -30.55 -10.78 -5.25
C SER A 13 -30.06 -11.76 -4.14
N LEU A 14 -30.05 -13.11 -4.41
CA LEU A 14 -29.70 -14.21 -3.47
C LEU A 14 -28.19 -14.35 -3.18
N ARG A 15 -27.87 -14.65 -1.93
CA ARG A 15 -26.51 -14.90 -1.41
C ARG A 15 -26.65 -15.99 -0.36
N CYS A 16 -25.71 -16.96 -0.29
CA CYS A 16 -25.80 -17.97 0.78
C CYS A 16 -25.36 -17.35 2.09
N GLY A 17 -26.29 -17.26 3.03
CA GLY A 17 -26.01 -16.73 4.35
C GLY A 17 -25.21 -17.68 5.20
N ALA A 18 -25.22 -18.99 4.82
CA ALA A 18 -24.51 -20.05 5.54
C ALA A 18 -23.07 -20.27 5.07
N CYS A 19 -22.70 -19.77 3.89
CA CYS A 19 -21.34 -19.83 3.36
C CYS A 19 -20.50 -18.79 4.04
N ILE A 20 -19.27 -19.15 4.48
CA ILE A 20 -18.31 -18.24 5.14
C ILE A 20 -18.01 -16.98 4.24
N ARG A 21 -18.15 -17.13 2.91
CA ARG A 21 -17.86 -16.05 1.97
C ARG A 21 -19.12 -15.40 1.33
N ARG A 22 -20.36 -15.84 1.72
CA ARG A 22 -21.66 -15.34 1.25
C ARG A 22 -21.74 -15.07 -0.27
N PRO A 23 -21.52 -16.10 -1.08
CA PRO A 23 -21.53 -15.91 -2.54
C PRO A 23 -22.90 -15.64 -3.14
N PHE A 24 -22.94 -14.81 -4.20
CA PHE A 24 -24.18 -14.56 -4.92
C PHE A 24 -24.55 -15.86 -5.70
N LEU A 25 -25.77 -16.37 -5.51
CA LEU A 25 -26.25 -17.59 -6.18
C LEU A 25 -27.56 -17.31 -6.91
N CYS A 26 -27.66 -17.84 -8.14
CA CYS A 26 -28.85 -17.65 -8.94
C CYS A 26 -29.99 -18.55 -8.48
N CYS A 27 -31.25 -18.16 -8.71
CA CYS A 27 -32.44 -18.94 -8.34
C CYS A 27 -32.30 -20.45 -8.62
N LYS A 28 -31.91 -20.83 -9.84
CA LYS A 28 -31.78 -22.22 -10.21
C LYS A 28 -30.71 -22.93 -9.37
N CYS A 29 -29.53 -22.30 -9.23
CA CYS A 29 -28.34 -22.84 -8.52
C CYS A 29 -28.42 -22.77 -6.96
N CYS A 30 -28.97 -21.68 -6.40
CA CYS A 30 -29.21 -21.46 -4.99
C CYS A 30 -30.05 -22.61 -4.43
N TYR A 31 -31.08 -23.04 -5.19
CA TYR A 31 -31.95 -24.15 -4.86
C TYR A 31 -31.12 -25.42 -4.78
N ASP A 32 -30.32 -25.70 -5.82
CA ASP A 32 -29.45 -26.88 -5.90
C ASP A 32 -28.47 -26.97 -4.74
N HIS A 33 -28.13 -25.82 -4.14
CA HIS A 33 -27.22 -25.73 -2.98
C HIS A 33 -27.98 -25.95 -1.66
N VAL A 34 -29.09 -25.21 -1.43
CA VAL A 34 -29.82 -25.34 -0.18
C VAL A 34 -30.50 -26.69 -0.02
N ILE A 35 -30.92 -27.33 -1.14
CA ILE A 35 -31.58 -28.64 -1.11
C ILE A 35 -30.60 -29.82 -0.96
N SER A 36 -29.29 -29.57 -1.11
CA SER A 36 -28.31 -30.64 -1.02
C SER A 36 -27.27 -30.44 0.09
N THR A 37 -27.32 -29.32 0.85
CA THR A 37 -26.35 -29.07 1.94
C THR A 37 -27.03 -28.63 3.25
N SER A 38 -26.29 -28.58 4.38
CA SER A 38 -26.80 -28.05 5.65
C SER A 38 -27.10 -26.53 5.56
N HIS A 39 -26.65 -25.87 4.47
CA HIS A 39 -26.80 -24.45 4.22
C HIS A 39 -28.21 -24.11 3.78
N LYS A 40 -29.01 -23.53 4.70
CA LYS A 40 -30.39 -23.18 4.38
C LYS A 40 -30.69 -21.69 4.53
N LEU A 41 -29.76 -20.86 5.07
CA LEU A 41 -30.04 -19.42 5.19
C LEU A 41 -29.76 -18.73 3.85
N VAL A 42 -30.79 -18.14 3.22
CA VAL A 42 -30.66 -17.40 1.94
C VAL A 42 -30.82 -15.87 2.23
N LEU A 43 -29.96 -15.02 1.62
CA LEU A 43 -29.96 -13.58 1.86
C LEU A 43 -30.24 -12.74 0.58
N SER A 44 -31.14 -11.75 0.66
CA SER A 44 -31.40 -10.81 -0.45
C SER A 44 -31.08 -9.40 0.16
N VAL A 45 -31.90 -8.34 0.00
CA VAL A 45 -31.68 -7.07 0.74
C VAL A 45 -31.99 -7.39 2.24
N ASN A 46 -33.10 -8.10 2.42
CA ASN A 46 -33.70 -8.68 3.59
C ASN A 46 -33.42 -10.19 3.53
N PRO A 47 -33.05 -10.81 4.65
CA PRO A 47 -32.84 -12.26 4.64
C PRO A 47 -34.16 -13.01 4.50
N TYR A 48 -34.06 -14.25 4.08
CA TYR A 48 -35.22 -15.11 3.97
C TYR A 48 -35.34 -15.77 5.31
N VAL A 49 -36.12 -15.13 6.16
CA VAL A 49 -36.42 -15.50 7.52
C VAL A 49 -37.90 -15.16 7.78
N CYS A 50 -38.53 -15.87 8.73
CA CYS A 50 -39.93 -15.64 9.04
C CYS A 50 -40.17 -14.29 9.68
N ASN A 51 -40.99 -13.50 8.98
CA ASN A 51 -41.33 -12.16 9.37
C ASN A 51 -42.29 -12.05 10.54
N ALA A 52 -42.91 -13.18 10.92
CA ALA A 52 -43.84 -13.27 12.04
C ALA A 52 -43.06 -12.98 13.33
N PRO A 53 -43.63 -12.20 14.28
CA PRO A 53 -42.89 -11.83 15.49
C PRO A 53 -42.40 -12.99 16.37
N GLY A 54 -41.11 -12.95 16.73
CA GLY A 54 -40.51 -13.96 17.60
C GLY A 54 -40.43 -15.35 16.99
N CYS A 55 -40.47 -15.45 15.66
CA CYS A 55 -40.39 -16.74 15.01
C CYS A 55 -39.00 -16.93 14.45
N ASP A 56 -38.36 -18.04 14.86
CA ASP A 56 -36.99 -18.37 14.47
C ASP A 56 -36.84 -19.27 13.24
N VAL A 57 -37.85 -19.31 12.33
CA VAL A 57 -37.73 -20.12 11.09
C VAL A 57 -36.88 -19.35 10.09
N THR A 58 -35.60 -19.81 9.85
CA THR A 58 -34.60 -19.21 8.93
C THR A 58 -34.25 -20.11 7.72
N ASP A 59 -34.82 -21.31 7.66
CA ASP A 59 -34.57 -22.28 6.59
C ASP A 59 -35.43 -21.94 5.40
N VAL A 60 -34.81 -21.67 4.23
CA VAL A 60 -35.46 -21.28 2.97
C VAL A 60 -36.48 -22.33 2.42
N THR A 61 -36.30 -23.62 2.75
CA THR A 61 -37.22 -24.69 2.33
C THR A 61 -38.52 -24.73 3.15
N GLN A 62 -38.48 -24.15 4.38
CA GLN A 62 -39.61 -24.03 5.30
C GLN A 62 -40.28 -22.66 5.20
N LEU A 63 -39.98 -21.85 4.14
CA LEU A 63 -40.52 -20.50 4.00
C LEU A 63 -41.31 -20.27 2.72
N TYR A 64 -42.19 -19.26 2.76
CA TYR A 64 -43.11 -18.87 1.70
C TYR A 64 -43.19 -17.34 1.60
N LEU A 65 -43.66 -16.83 0.44
CA LEU A 65 -43.88 -15.41 0.16
C LEU A 65 -45.39 -15.03 0.35
N GLY A 66 -45.65 -14.25 1.40
CA GLY A 66 -46.97 -13.71 1.73
C GLY A 66 -47.10 -12.25 1.32
N GLY A 67 -47.33 -12.05 0.03
CA GLY A 67 -47.39 -10.73 -0.57
C GLY A 67 -46.00 -10.29 -0.99
N MET A 68 -45.37 -9.48 -0.16
CA MET A 68 -44.00 -9.01 -0.38
C MET A 68 -43.04 -9.41 0.77
N SER A 69 -43.60 -10.01 1.85
CA SER A 69 -42.93 -10.49 3.06
C SER A 69 -42.80 -12.04 3.09
N TYR A 70 -41.98 -12.59 3.99
CA TYR A 70 -41.74 -14.05 4.04
C TYR A 70 -42.18 -14.60 5.37
N TYR A 71 -42.83 -15.78 5.36
CA TYR A 71 -43.37 -16.46 6.55
C TYR A 71 -43.15 -17.98 6.46
N CYS A 72 -43.12 -18.67 7.60
CA CYS A 72 -42.96 -20.13 7.61
C CYS A 72 -44.31 -20.86 7.36
N LYS A 73 -44.35 -22.21 7.48
CA LYS A 73 -45.58 -22.97 7.29
C LYS A 73 -46.64 -22.68 8.38
N SER A 74 -46.19 -22.36 9.63
CA SER A 74 -47.05 -22.02 10.77
C SER A 74 -47.60 -20.58 10.75
N HIS A 75 -46.96 -19.67 10.01
CA HIS A 75 -47.37 -18.26 10.01
C HIS A 75 -47.84 -17.73 8.67
N LYS A 76 -47.59 -18.47 7.58
CA LYS A 76 -47.94 -18.03 6.22
C LYS A 76 -49.43 -17.67 6.04
N PRO A 77 -49.72 -16.68 5.16
CA PRO A 77 -51.14 -16.37 4.87
C PRO A 77 -51.76 -17.40 3.91
N PRO A 78 -53.08 -17.41 3.67
CA PRO A 78 -53.66 -18.41 2.75
C PRO A 78 -53.02 -18.36 1.36
N ILE A 79 -52.91 -17.15 0.79
CA ILE A 79 -52.30 -16.99 -0.52
C ILE A 79 -50.80 -16.71 -0.34
N SER A 80 -50.03 -17.81 -0.34
CA SER A 80 -48.58 -17.84 -0.20
C SER A 80 -47.92 -18.98 -1.02
N PHE A 81 -46.87 -18.59 -1.71
CA PHE A 81 -46.06 -19.37 -2.63
C PHE A 81 -44.78 -19.82 -1.95
N PRO A 82 -44.38 -21.11 -2.02
CA PRO A 82 -43.09 -21.51 -1.41
C PRO A 82 -41.85 -20.86 -2.03
N LEU A 83 -40.92 -20.40 -1.17
CA LEU A 83 -39.68 -19.78 -1.64
C LEU A 83 -38.87 -20.83 -2.42
N CYS A 84 -38.96 -22.11 -2.02
CA CYS A 84 -38.28 -23.21 -2.69
C CYS A 84 -39.21 -24.13 -3.39
N ALA A 85 -39.31 -23.99 -4.70
CA ALA A 85 -40.13 -24.91 -5.50
C ALA A 85 -39.77 -24.81 -6.97
N ASN A 86 -39.95 -25.93 -7.71
CA ASN A 86 -39.70 -26.01 -9.14
C ASN A 86 -38.23 -25.76 -9.52
N GLY A 87 -37.31 -26.20 -8.67
CA GLY A 87 -35.89 -26.04 -8.90
C GLY A 87 -35.35 -24.64 -8.73
N GLN A 88 -36.12 -23.76 -8.07
CA GLN A 88 -35.68 -22.37 -7.88
C GLN A 88 -35.97 -21.80 -6.51
N VAL A 89 -35.14 -20.84 -6.06
CA VAL A 89 -35.34 -20.07 -4.84
C VAL A 89 -35.82 -18.71 -5.34
N PHE A 90 -37.02 -18.29 -4.90
CA PHE A 90 -37.62 -17.03 -5.34
C PHE A 90 -36.73 -15.86 -5.01
N GLY A 91 -36.63 -14.94 -5.95
CA GLY A 91 -35.85 -13.72 -5.82
C GLY A 91 -36.03 -12.88 -7.06
N LEU A 92 -35.00 -12.12 -7.40
CA LEU A 92 -35.05 -11.30 -8.59
C LEU A 92 -34.26 -11.93 -9.73
N TYR A 93 -34.65 -11.59 -10.95
CA TYR A 93 -34.03 -12.06 -12.19
C TYR A 93 -34.17 -13.57 -12.37
N LYS A 94 -35.34 -14.13 -12.00
CA LYS A 94 -35.69 -15.55 -12.09
C LYS A 94 -35.76 -16.05 -13.53
N VAL A 103 -22.61 -28.09 -10.08
CA VAL A 103 -23.01 -27.50 -8.80
C VAL A 103 -22.63 -28.38 -7.61
N THR A 104 -22.58 -29.72 -7.80
CA THR A 104 -22.08 -30.75 -6.87
C THR A 104 -20.69 -30.37 -6.28
N ASP A 105 -19.83 -29.80 -7.14
CA ASP A 105 -18.49 -29.35 -6.77
C ASP A 105 -18.51 -28.04 -5.96
N PHE A 106 -19.50 -27.17 -6.19
CA PHE A 106 -19.63 -25.94 -5.41
C PHE A 106 -20.00 -26.32 -3.96
N ASN A 107 -20.91 -27.28 -3.81
CA ASN A 107 -21.38 -27.76 -2.51
C ASN A 107 -20.24 -28.27 -1.66
N ALA A 108 -19.38 -29.09 -2.26
CA ALA A 108 -18.25 -29.67 -1.57
C ALA A 108 -17.24 -28.63 -1.08
N ILE A 109 -16.99 -27.57 -1.89
CA ILE A 109 -16.07 -26.48 -1.52
C ILE A 109 -16.69 -25.61 -0.39
N ALA A 110 -18.01 -25.38 -0.48
CA ALA A 110 -18.76 -24.57 0.46
C ALA A 110 -18.88 -25.19 1.84
N THR A 111 -18.90 -26.54 1.93
CA THR A 111 -19.12 -27.26 3.20
C THR A 111 -17.88 -28.01 3.81
N CYS A 112 -16.79 -28.15 3.05
CA CYS A 112 -15.60 -28.84 3.57
C CYS A 112 -14.83 -28.07 4.68
N ASP A 113 -14.05 -28.80 5.50
CA ASP A 113 -13.22 -28.23 6.57
C ASP A 113 -11.74 -27.96 6.15
N TRP A 114 -11.37 -28.31 4.88
CA TRP A 114 -10.05 -28.12 4.27
C TRP A 114 -8.95 -28.94 4.97
N THR A 115 -9.31 -30.03 5.64
CA THR A 115 -8.35 -30.88 6.34
C THR A 115 -8.02 -32.16 5.54
N ASN A 116 -8.74 -32.43 4.45
CA ASN A 116 -8.53 -33.60 3.59
C ASN A 116 -7.88 -33.12 2.31
N ALA A 117 -7.02 -33.95 1.71
CA ALA A 117 -6.36 -33.59 0.45
C ALA A 117 -7.37 -33.46 -0.73
N GLY A 118 -8.47 -34.24 -0.65
CA GLY A 118 -9.53 -34.24 -1.67
C GLY A 118 -10.23 -32.92 -1.85
N ASP A 119 -10.17 -32.03 -0.80
CA ASP A 119 -10.72 -30.68 -0.81
C ASP A 119 -9.90 -29.75 -1.73
N TYR A 120 -8.56 -29.92 -1.68
CA TYR A 120 -7.57 -29.19 -2.47
C TYR A 120 -7.50 -29.68 -3.90
N ILE A 121 -7.84 -30.98 -4.13
CA ILE A 121 -7.93 -31.58 -5.45
C ILE A 121 -9.08 -30.93 -6.19
N LEU A 122 -10.22 -30.86 -5.55
CA LEU A 122 -11.39 -30.23 -6.09
C LEU A 122 -11.17 -28.72 -6.32
N ALA A 123 -10.52 -28.00 -5.36
CA ALA A 123 -10.22 -26.56 -5.51
C ALA A 123 -9.34 -26.24 -6.75
N ASN A 124 -8.83 -27.28 -7.44
CA ASN A 124 -7.92 -27.20 -8.58
C ASN A 124 -8.42 -27.91 -9.86
N THR A 125 -9.42 -28.78 -9.71
CA THR A 125 -10.04 -29.44 -10.88
C THR A 125 -11.36 -28.75 -11.30
N CYS A 126 -11.89 -27.85 -10.46
CA CYS A 126 -13.16 -27.18 -10.73
C CYS A 126 -13.07 -26.06 -11.83
N THR A 127 -14.18 -25.37 -12.12
CA THR A 127 -14.22 -24.26 -13.06
C THR A 127 -13.43 -23.09 -12.46
N GLU A 128 -13.02 -22.15 -13.31
CA GLU A 128 -12.22 -21.02 -12.87
C GLU A 128 -12.85 -20.19 -11.72
N ARG A 129 -14.15 -19.83 -11.82
CA ARG A 129 -14.77 -19.07 -10.71
C ARG A 129 -14.83 -19.89 -9.42
N LEU A 130 -15.00 -21.22 -9.55
CA LEU A 130 -15.02 -22.08 -8.37
C LEU A 130 -13.62 -22.25 -7.74
N LYS A 131 -12.55 -22.04 -8.53
CA LYS A 131 -11.19 -22.05 -8.03
C LYS A 131 -11.00 -20.82 -7.12
N LEU A 132 -11.57 -19.62 -7.53
CA LEU A 132 -11.48 -18.41 -6.72
C LEU A 132 -12.33 -18.49 -5.47
N PHE A 133 -13.55 -19.07 -5.58
CA PHE A 133 -14.46 -19.30 -4.47
C PHE A 133 -13.76 -20.22 -3.45
N ALA A 134 -13.08 -21.28 -3.94
CA ALA A 134 -12.33 -22.20 -3.09
C ALA A 134 -11.12 -21.51 -2.43
N ALA A 135 -10.36 -20.71 -3.20
CA ALA A 135 -9.19 -20.00 -2.67
C ALA A 135 -9.55 -18.95 -1.61
N GLU A 136 -10.74 -18.34 -1.73
CA GLU A 136 -11.26 -17.34 -0.78
C GLU A 136 -11.72 -18.07 0.50
N THR A 137 -12.56 -19.14 0.34
CA THR A 137 -13.15 -19.95 1.41
C THR A 137 -12.05 -20.61 2.25
N LEU A 138 -10.99 -21.13 1.58
CA LEU A 138 -9.84 -21.77 2.22
C LEU A 138 -9.06 -20.75 3.01
N LYS A 139 -8.73 -19.59 2.41
CA LYS A 139 -7.94 -18.59 3.13
C LYS A 139 -8.71 -18.04 4.33
N ALA A 140 -10.03 -17.87 4.18
CA ALA A 140 -10.86 -17.40 5.29
C ALA A 140 -10.96 -18.47 6.38
N THR A 141 -11.04 -19.74 5.98
CA THR A 141 -11.09 -20.84 6.94
C THR A 141 -9.79 -20.94 7.74
N GLU A 142 -8.62 -20.76 7.06
CA GLU A 142 -7.31 -20.78 7.71
C GLU A 142 -7.16 -19.62 8.70
N GLU A 143 -7.76 -18.46 8.38
CA GLU A 143 -7.70 -17.24 9.19
C GLU A 143 -8.51 -17.34 10.47
N THR A 144 -9.73 -17.85 10.36
CA THR A 144 -10.61 -18.08 11.51
C THR A 144 -10.00 -19.14 12.48
N PHE A 145 -9.25 -20.09 11.91
CA PHE A 145 -8.57 -21.11 12.67
C PHE A 145 -7.43 -20.50 13.51
N LYS A 146 -6.76 -19.44 13.00
CA LYS A 146 -5.68 -18.77 13.75
C LYS A 146 -6.16 -18.21 15.10
N LEU A 147 -7.47 -17.93 15.21
CA LEU A 147 -8.09 -17.40 16.41
C LEU A 147 -8.28 -18.46 17.51
N SER A 148 -8.27 -19.75 17.13
CA SER A 148 -8.42 -20.85 18.08
C SER A 148 -7.17 -21.10 19.01
N TYR A 149 -5.98 -20.62 18.61
CA TYR A 149 -4.76 -20.85 19.42
C TYR A 149 -4.71 -19.98 20.70
N GLY A 150 -3.83 -20.33 21.67
CA GLY A 150 -3.70 -19.60 22.92
C GLY A 150 -2.66 -18.49 22.93
N ILE A 151 -2.87 -17.47 23.80
CA ILE A 151 -2.00 -16.30 23.98
C ILE A 151 -0.75 -16.69 24.84
N ALA A 152 0.47 -16.37 24.38
CA ALA A 152 1.70 -16.68 25.14
C ALA A 152 2.23 -15.48 25.91
N THR A 153 1.98 -15.45 27.22
CA THR A 153 2.43 -14.35 28.07
C THR A 153 3.82 -14.70 28.63
N VAL A 154 4.82 -13.83 28.36
CA VAL A 154 6.22 -14.01 28.80
C VAL A 154 6.32 -14.11 30.33
N ARG A 155 6.87 -15.22 30.82
CA ARG A 155 7.02 -15.46 32.24
C ARG A 155 8.37 -14.88 32.74
N GLU A 156 9.48 -15.16 32.01
CA GLU A 156 10.81 -14.62 32.37
C GLU A 156 11.70 -14.33 31.13
N VAL A 157 12.74 -13.49 31.31
CA VAL A 157 13.68 -13.16 30.24
C VAL A 157 15.06 -13.66 30.69
N LEU A 158 15.70 -14.56 29.92
CA LEU A 158 17.00 -15.10 30.27
C LEU A 158 18.14 -14.22 29.69
N SER A 159 18.04 -13.91 28.40
CA SER A 159 19.03 -13.10 27.68
C SER A 159 18.37 -12.35 26.48
N ASP A 160 19.15 -12.04 25.41
CA ASP A 160 18.67 -11.35 24.19
C ASP A 160 18.15 -12.32 23.10
N ARG A 161 18.38 -13.62 23.28
CA ARG A 161 17.93 -14.66 22.36
C ARG A 161 17.42 -15.88 23.15
N GLU A 162 16.89 -15.68 24.38
CA GLU A 162 16.36 -16.74 25.26
C GLU A 162 15.24 -16.21 26.20
N LEU A 163 14.13 -16.98 26.36
CA LEU A 163 13.03 -16.65 27.29
C LEU A 163 12.23 -17.92 27.74
N HIS A 164 11.36 -17.78 28.77
CA HIS A 164 10.51 -18.84 29.29
C HIS A 164 9.05 -18.35 29.17
N LEU A 165 8.17 -19.09 28.47
CA LEU A 165 6.80 -18.65 28.23
C LEU A 165 5.70 -19.39 29.01
N SER A 166 4.59 -18.68 29.31
CA SER A 166 3.39 -19.17 29.99
C SER A 166 2.23 -19.13 28.97
N TRP A 167 1.48 -20.23 28.82
CA TRP A 167 0.43 -20.31 27.80
C TRP A 167 -1.00 -20.27 28.33
N GLU A 168 -1.95 -19.83 27.46
CA GLU A 168 -3.36 -19.73 27.82
C GLU A 168 -3.98 -21.10 28.01
N VAL A 169 -4.68 -21.28 29.13
CA VAL A 169 -5.37 -22.53 29.43
C VAL A 169 -6.66 -22.60 28.58
N GLY A 170 -7.03 -23.79 28.10
CA GLY A 170 -8.24 -23.97 27.32
C GLY A 170 -8.14 -23.67 25.83
N LYS A 171 -6.93 -23.35 25.34
CA LYS A 171 -6.71 -23.09 23.91
C LYS A 171 -5.43 -23.78 23.46
N PRO A 172 -5.49 -24.53 22.35
CA PRO A 172 -4.31 -25.27 21.90
C PRO A 172 -3.04 -24.45 21.71
N ARG A 173 -1.91 -25.16 21.89
CA ARG A 173 -0.53 -24.69 21.80
C ARG A 173 -0.04 -24.74 20.34
N PRO A 174 0.17 -23.57 19.72
CA PRO A 174 0.61 -23.55 18.30
C PRO A 174 2.03 -24.05 18.02
N PRO A 175 2.23 -24.68 16.85
CA PRO A 175 3.56 -25.21 16.51
C PRO A 175 4.63 -24.12 16.46
N LEU A 176 5.67 -24.27 17.30
CA LEU A 176 6.75 -23.30 17.36
C LEU A 176 7.84 -23.53 16.30
N ASN A 177 7.80 -22.74 15.22
CA ASN A 177 8.76 -22.78 14.10
C ASN A 177 8.66 -21.49 13.25
N ARG A 178 9.58 -21.29 12.30
CA ARG A 178 9.55 -20.11 11.42
C ARG A 178 8.28 -20.02 10.55
N ASN A 179 7.52 -21.12 10.43
CA ASN A 179 6.28 -21.19 9.67
C ASN A 179 5.13 -20.43 10.37
N TYR A 180 5.27 -20.12 11.68
CA TYR A 180 4.25 -19.43 12.48
C TYR A 180 4.77 -18.07 13.00
N VAL A 181 4.34 -16.96 12.37
CA VAL A 181 4.79 -15.62 12.77
C VAL A 181 3.78 -14.93 13.71
N PHE A 182 4.22 -14.70 14.94
CA PHE A 182 3.45 -14.03 15.97
C PHE A 182 3.50 -12.53 15.80
N THR A 183 2.60 -11.83 16.47
CA THR A 183 2.55 -10.38 16.47
C THR A 183 2.66 -10.01 17.94
N GLY A 184 3.77 -9.37 18.27
CA GLY A 184 4.08 -8.97 19.62
C GLY A 184 3.27 -7.79 20.10
N TYR A 185 2.86 -7.83 21.38
CA TYR A 185 2.06 -6.79 22.04
C TYR A 185 2.53 -6.51 23.47
N GLN A 194 2.01 -3.29 20.52
CA GLN A 194 2.11 -3.47 19.07
C GLN A 194 3.59 -3.46 18.65
N ILE A 195 4.42 -4.19 19.43
CA ILE A 195 5.89 -4.27 19.38
C ILE A 195 6.47 -5.20 18.26
N GLY A 196 5.83 -5.22 17.09
CA GLY A 196 6.32 -5.95 15.93
C GLY A 196 6.17 -7.47 15.91
N GLU A 197 6.27 -8.05 14.69
CA GLU A 197 6.15 -9.48 14.49
C GLU A 197 7.31 -10.24 15.16
N TYR A 198 7.05 -11.42 15.73
CA TYR A 198 8.06 -12.23 16.40
C TYR A 198 7.95 -13.71 15.96
N THR A 199 9.03 -14.50 16.13
CA THR A 199 9.09 -15.93 15.80
C THR A 199 9.70 -16.73 16.98
N PHE A 200 9.35 -18.04 17.15
CA PHE A 200 9.83 -18.89 18.26
C PHE A 200 10.40 -20.30 17.93
N GLU A 201 11.47 -20.72 18.65
CA GLU A 201 12.11 -22.06 18.55
C GLU A 201 12.55 -22.60 19.95
N LYS A 202 12.83 -23.91 20.09
CA LYS A 202 13.25 -24.48 21.37
C LYS A 202 14.75 -24.32 21.66
N ASP A 207 13.75 -26.15 29.84
CA ASP A 207 12.62 -25.42 29.28
C ASP A 207 13.08 -24.10 28.63
N ALA A 208 14.29 -24.07 28.04
CA ALA A 208 14.82 -22.86 27.41
C ALA A 208 14.40 -22.67 25.95
N VAL A 209 13.48 -21.72 25.69
CA VAL A 209 12.96 -21.42 24.35
C VAL A 209 13.53 -20.06 23.81
N VAL A 210 14.10 -20.09 22.60
CA VAL A 210 14.72 -18.96 21.92
C VAL A 210 13.66 -17.96 21.35
N TYR A 211 13.90 -16.63 21.49
CA TYR A 211 12.95 -15.64 20.97
C TYR A 211 13.54 -14.82 19.80
N ARG A 212 12.80 -14.75 18.68
CA ARG A 212 13.27 -14.07 17.47
C ARG A 212 12.35 -12.95 16.93
N GLY A 213 12.60 -11.74 17.38
CA GLY A 213 11.80 -10.59 16.96
C GLY A 213 12.21 -9.92 15.68
N THR A 214 11.24 -9.75 14.77
CA THR A 214 11.47 -9.03 13.52
C THR A 214 11.71 -7.51 13.73
N THR A 215 11.68 -7.05 14.99
CA THR A 215 11.90 -5.69 15.49
C THR A 215 12.59 -5.87 16.85
N THR A 216 13.71 -5.16 17.11
CA THR A 216 14.42 -5.31 18.39
C THR A 216 13.72 -4.60 19.54
N TYR A 217 13.48 -5.35 20.61
CA TYR A 217 12.85 -4.81 21.78
C TYR A 217 13.27 -5.56 23.02
N LYS A 218 13.45 -4.81 24.12
CA LYS A 218 13.86 -5.35 25.41
C LYS A 218 12.73 -6.17 26.03
N LEU A 219 12.64 -7.47 25.65
CA LEU A 219 11.63 -8.47 26.04
C LEU A 219 10.90 -8.16 27.37
N ASN A 220 9.66 -7.67 27.27
CA ASN A 220 8.87 -7.30 28.44
C ASN A 220 8.12 -8.52 28.98
N VAL A 221 8.30 -8.82 30.29
CA VAL A 221 7.57 -9.90 30.98
C VAL A 221 6.09 -9.43 31.14
N GLY A 222 5.14 -10.32 30.87
CA GLY A 222 3.73 -9.99 30.95
C GLY A 222 3.17 -9.64 29.59
N ASP A 223 3.97 -8.89 28.78
CA ASP A 223 3.61 -8.50 27.42
C ASP A 223 3.43 -9.78 26.61
N TYR A 224 2.26 -9.92 26.03
CA TYR A 224 1.81 -11.11 25.32
C TYR A 224 1.94 -11.01 23.77
N PHE A 225 1.76 -12.13 23.06
CA PHE A 225 1.76 -12.19 21.59
C PHE A 225 0.41 -12.80 21.08
N VAL A 226 0.19 -12.80 19.75
CA VAL A 226 -0.96 -13.44 19.08
C VAL A 226 -0.65 -13.63 17.57
N LEU A 227 -1.18 -14.70 16.94
CA LEU A 227 -1.00 -14.91 15.51
C LEU A 227 -1.96 -13.96 14.80
N THR A 228 -1.44 -12.87 14.23
CA THR A 228 -2.29 -11.88 13.57
C THR A 228 -2.96 -12.43 12.32
N SER A 229 -4.25 -12.64 12.41
CA SER A 229 -5.03 -13.14 11.30
C SER A 229 -5.29 -11.98 10.32
N HIS A 230 -4.62 -11.96 9.15
CA HIS A 230 -4.86 -10.88 8.17
C HIS A 230 -6.16 -11.18 7.41
N THR A 231 -7.02 -10.17 7.28
CA THR A 231 -8.33 -10.21 6.64
C THR A 231 -8.22 -10.75 5.20
N VAL A 232 -9.14 -11.66 4.80
CA VAL A 232 -9.16 -12.28 3.45
C VAL A 232 -9.96 -11.44 2.52
N MET A 233 -9.28 -10.77 1.60
CA MET A 233 -9.94 -9.95 0.62
C MET A 233 -10.54 -10.83 -0.48
N PRO A 234 -11.60 -10.36 -1.12
CA PRO A 234 -12.21 -11.17 -2.17
C PRO A 234 -11.34 -11.19 -3.44
N LEU A 235 -11.46 -12.29 -4.19
CA LEU A 235 -10.73 -12.51 -5.42
C LEU A 235 -11.62 -12.14 -6.58
N SER A 236 -11.07 -11.39 -7.53
CA SER A 236 -11.80 -10.94 -8.70
C SER A 236 -11.22 -11.52 -9.99
N ALA A 237 -9.89 -11.44 -10.14
CA ALA A 237 -9.17 -11.92 -11.32
C ALA A 237 -8.93 -13.44 -11.31
N PRO A 238 -8.89 -14.09 -12.50
CA PRO A 238 -8.63 -15.55 -12.53
C PRO A 238 -7.20 -15.94 -12.09
N THR A 239 -7.00 -17.22 -11.75
CA THR A 239 -5.67 -17.73 -11.37
C THR A 239 -4.75 -17.65 -12.59
N LEU A 240 -5.30 -17.95 -13.77
CA LEU A 240 -4.68 -17.87 -15.08
C LEU A 240 -5.58 -17.08 -16.04
N VAL A 241 -5.02 -16.07 -16.70
CA VAL A 241 -5.76 -15.32 -17.72
C VAL A 241 -6.04 -16.30 -18.92
N PRO A 242 -7.05 -16.06 -19.78
CA PRO A 242 -7.27 -17.00 -20.90
C PRO A 242 -6.04 -16.98 -21.82
N GLN A 243 -5.58 -18.17 -22.25
CA GLN A 243 -4.41 -18.23 -23.11
C GLN A 243 -4.64 -17.60 -24.47
N GLU A 244 -3.64 -16.85 -24.97
CA GLU A 244 -3.71 -16.23 -26.29
C GLU A 244 -2.43 -16.62 -27.02
N HIS A 245 -2.55 -17.20 -28.21
CA HIS A 245 -1.38 -17.55 -28.99
C HIS A 245 -1.24 -16.55 -30.12
N TYR A 246 -0.06 -15.98 -30.26
CA TYR A 246 0.21 -14.97 -31.28
C TYR A 246 1.15 -15.54 -32.34
N VAL A 247 1.06 -14.99 -33.56
CA VAL A 247 1.90 -15.41 -34.70
C VAL A 247 3.24 -14.62 -34.79
N ARG A 248 3.37 -13.57 -33.98
CA ARG A 248 4.54 -12.73 -33.92
C ARG A 248 4.70 -12.26 -32.49
N ILE A 249 5.93 -11.87 -32.13
CA ILE A 249 6.21 -11.32 -30.81
C ILE A 249 5.43 -10.01 -30.63
N THR A 250 4.49 -10.02 -29.70
CA THR A 250 3.55 -8.94 -29.42
C THR A 250 4.02 -7.94 -28.34
N GLY A 251 4.15 -6.67 -28.69
CA GLY A 251 4.50 -5.62 -27.73
C GLY A 251 5.88 -5.67 -27.09
N LEU A 252 6.70 -6.59 -27.56
CA LEU A 252 8.06 -6.74 -27.07
C LEU A 252 9.00 -6.50 -28.24
N TYR A 253 10.19 -5.94 -27.97
CA TYR A 253 11.12 -5.63 -29.04
C TYR A 253 12.51 -6.26 -28.78
N PRO A 254 12.82 -7.39 -29.50
CA PRO A 254 14.08 -8.12 -29.26
C PRO A 254 15.40 -7.46 -29.73
N THR A 255 16.55 -8.07 -29.38
CA THR A 255 17.85 -7.64 -29.92
C THR A 255 18.34 -8.77 -30.90
N LEU A 256 19.41 -8.48 -31.64
CA LEU A 256 20.17 -9.39 -32.50
C LEU A 256 21.58 -9.61 -31.87
N ASN A 257 22.04 -8.59 -31.14
CA ASN A 257 23.19 -8.56 -30.28
C ASN A 257 22.58 -9.02 -28.95
N ILE A 258 22.56 -10.34 -28.72
CA ILE A 258 22.06 -10.93 -27.47
C ILE A 258 23.18 -11.83 -26.94
N SER A 259 23.87 -11.38 -25.86
CA SER A 259 25.01 -12.03 -25.17
C SER A 259 25.04 -13.56 -25.30
N ASP A 260 26.18 -14.14 -25.70
CA ASP A 260 26.32 -15.59 -25.91
C ASP A 260 25.98 -16.44 -24.68
N GLU A 261 25.93 -15.82 -23.49
CA GLU A 261 25.56 -16.42 -22.22
C GLU A 261 24.07 -16.91 -22.32
N PHE A 262 23.21 -16.03 -22.85
CA PHE A 262 21.76 -16.22 -22.98
C PHE A 262 21.30 -16.78 -24.31
N SER A 263 22.26 -17.08 -25.22
CA SER A 263 22.08 -17.69 -26.55
C SER A 263 21.20 -18.93 -26.51
N SER A 264 21.33 -19.72 -25.43
CA SER A 264 20.58 -20.95 -25.22
C SER A 264 19.08 -20.72 -25.01
N ASN A 265 18.71 -19.56 -24.50
CA ASN A 265 17.33 -19.28 -24.18
C ASN A 265 16.62 -18.38 -25.18
N VAL A 266 17.24 -17.99 -26.32
CA VAL A 266 16.58 -17.09 -27.28
C VAL A 266 15.34 -17.72 -27.93
N ALA A 267 15.35 -19.04 -28.27
CA ALA A 267 14.15 -19.67 -28.84
C ALA A 267 13.00 -19.68 -27.80
N ASN A 268 13.34 -19.83 -26.51
CA ASN A 268 12.36 -19.81 -25.43
C ASN A 268 11.87 -18.37 -25.10
N TYR A 269 12.75 -17.33 -25.24
CA TYR A 269 12.33 -15.93 -25.04
C TYR A 269 11.37 -15.51 -26.12
N GLN A 270 11.52 -16.05 -27.34
CA GLN A 270 10.62 -15.78 -28.45
C GLN A 270 9.26 -16.42 -28.18
N LYS A 271 9.23 -17.66 -27.64
CA LYS A 271 8.01 -18.37 -27.24
C LYS A 271 7.21 -17.47 -26.25
N VAL A 272 7.94 -16.83 -25.30
CA VAL A 272 7.43 -15.89 -24.29
C VAL A 272 6.65 -14.68 -24.93
N GLY A 273 7.16 -14.14 -26.05
CA GLY A 273 6.53 -13.04 -26.76
C GLY A 273 5.42 -13.46 -27.73
N MET A 274 5.26 -14.77 -27.96
CA MET A 274 4.25 -15.27 -28.88
C MET A 274 3.08 -15.97 -28.25
N GLN A 275 2.88 -15.77 -26.94
CA GLN A 275 1.81 -16.34 -26.11
C GLN A 275 1.45 -15.32 -24.99
N LYS A 276 0.22 -15.35 -24.46
CA LYS A 276 -0.14 -14.45 -23.35
C LYS A 276 0.66 -14.90 -22.11
N TYR A 277 0.52 -16.17 -21.71
CA TYR A 277 1.30 -16.72 -20.61
C TYR A 277 2.13 -17.93 -21.09
N SER A 278 3.22 -18.22 -20.38
CA SER A 278 4.05 -19.38 -20.69
C SER A 278 4.59 -20.01 -19.41
N THR A 279 4.66 -21.37 -19.36
CA THR A 279 5.18 -22.08 -18.19
C THR A 279 6.62 -22.61 -18.40
N LEU A 280 7.46 -22.47 -17.37
CA LEU A 280 8.81 -22.98 -17.42
C LEU A 280 9.12 -23.92 -16.25
N GLN A 281 9.36 -25.22 -16.53
CA GLN A 281 9.77 -26.15 -15.48
C GLN A 281 11.28 -26.18 -15.43
N GLY A 282 11.83 -25.80 -14.29
CA GLY A 282 13.26 -25.76 -14.10
C GLY A 282 13.71 -26.54 -12.90
N PRO A 283 14.13 -27.80 -13.11
CA PRO A 283 14.70 -28.59 -12.01
C PRO A 283 15.87 -27.87 -11.31
N PRO A 284 16.31 -28.32 -10.12
CA PRO A 284 17.40 -27.60 -9.44
C PRO A 284 18.65 -27.30 -10.31
N GLY A 285 19.10 -26.05 -10.29
CA GLY A 285 20.30 -25.62 -10.99
C GLY A 285 20.29 -25.72 -12.51
N THR A 286 19.11 -25.61 -13.11
CA THR A 286 19.00 -25.66 -14.57
C THR A 286 19.03 -24.27 -15.23
N GLY A 287 19.08 -23.20 -14.43
CA GLY A 287 19.17 -21.84 -14.95
C GLY A 287 17.87 -21.06 -14.99
N LYS A 288 17.04 -21.13 -13.94
CA LYS A 288 15.78 -20.40 -13.86
C LYS A 288 16.05 -18.91 -13.64
N SER A 289 16.87 -18.52 -12.62
CA SER A 289 17.23 -17.14 -12.31
C SER A 289 17.85 -16.48 -13.51
N HIS A 290 18.71 -17.23 -14.22
CA HIS A 290 19.47 -16.85 -15.41
C HIS A 290 18.50 -16.60 -16.58
N PHE A 291 17.53 -17.50 -16.77
CA PHE A 291 16.49 -17.39 -17.79
C PHE A 291 15.66 -16.12 -17.52
N ALA A 292 15.17 -15.95 -16.29
CA ALA A 292 14.37 -14.79 -15.90
C ALA A 292 15.08 -13.45 -16.16
N ILE A 293 16.36 -13.29 -15.73
CA ILE A 293 17.12 -12.04 -15.94
C ILE A 293 17.53 -11.88 -17.42
N GLY A 294 17.75 -12.98 -18.13
CA GLY A 294 18.09 -12.97 -19.54
C GLY A 294 16.94 -12.63 -20.48
N LEU A 295 15.74 -12.71 -19.98
CA LEU A 295 14.55 -12.29 -20.69
C LEU A 295 14.57 -10.75 -20.78
N ALA A 296 15.11 -10.05 -19.74
CA ALA A 296 15.28 -8.60 -19.68
C ALA A 296 16.33 -8.10 -20.65
N LEU A 297 17.38 -8.91 -20.90
CA LEU A 297 18.41 -8.53 -21.87
C LEU A 297 17.94 -8.82 -23.33
N TYR A 298 17.01 -9.78 -23.50
CA TYR A 298 16.46 -10.09 -24.81
C TYR A 298 15.41 -9.08 -25.23
N TYR A 299 14.53 -8.60 -24.31
CA TYR A 299 13.57 -7.53 -24.60
C TYR A 299 14.03 -6.38 -23.75
N PRO A 300 15.06 -5.64 -24.23
CA PRO A 300 15.73 -4.64 -23.38
C PRO A 300 14.95 -3.37 -23.04
N SER A 301 13.92 -3.08 -23.83
CA SER A 301 13.02 -1.93 -23.69
C SER A 301 11.79 -2.23 -22.80
N ALA A 302 11.42 -3.52 -22.73
CA ALA A 302 10.30 -4.04 -21.96
C ALA A 302 10.43 -3.86 -20.43
N ARG A 303 9.38 -3.34 -19.79
CA ARG A 303 9.27 -3.14 -18.34
C ARG A 303 8.89 -4.50 -17.69
N ILE A 304 9.76 -5.04 -16.81
CA ILE A 304 9.52 -6.34 -16.23
C ILE A 304 9.32 -6.27 -14.73
N VAL A 305 8.23 -6.86 -14.27
CA VAL A 305 7.95 -6.95 -12.86
C VAL A 305 8.24 -8.40 -12.44
N TYR A 306 9.24 -8.57 -11.57
CA TYR A 306 9.65 -9.85 -11.03
C TYR A 306 8.97 -10.03 -9.69
N THR A 307 8.20 -11.12 -9.57
CA THR A 307 7.42 -11.43 -8.37
C THR A 307 7.58 -12.90 -7.95
N ALA A 308 7.32 -13.17 -6.66
CA ALA A 308 7.35 -14.48 -6.00
C ALA A 308 6.59 -14.37 -4.65
N CYS A 309 6.24 -15.49 -4.00
CA CYS A 309 5.54 -15.41 -2.71
C CYS A 309 6.50 -14.95 -1.60
N SER A 310 7.71 -15.54 -1.53
CA SER A 310 8.67 -15.23 -0.47
C SER A 310 9.66 -14.08 -0.77
N HIS A 311 10.20 -13.47 0.29
CA HIS A 311 11.21 -12.44 0.14
C HIS A 311 12.49 -13.06 -0.37
N ALA A 312 12.84 -14.26 0.14
CA ALA A 312 14.01 -15.04 -0.27
C ALA A 312 14.02 -15.29 -1.79
N ALA A 313 12.87 -15.61 -2.39
CA ALA A 313 12.78 -15.84 -3.82
C ALA A 313 12.97 -14.55 -4.63
N VAL A 314 12.36 -13.43 -4.16
CA VAL A 314 12.50 -12.12 -4.79
C VAL A 314 13.97 -11.61 -4.72
N ASP A 315 14.65 -11.85 -3.58
CA ASP A 315 16.05 -11.48 -3.31
C ASP A 315 17.02 -12.29 -4.18
N ALA A 316 16.67 -13.56 -4.46
CA ALA A 316 17.47 -14.40 -5.35
C ALA A 316 17.40 -13.88 -6.81
N LEU A 317 16.26 -13.25 -7.20
CA LEU A 317 16.11 -12.62 -8.53
C LEU A 317 16.84 -11.25 -8.57
N CYS A 318 16.85 -10.53 -7.43
CA CYS A 318 17.54 -9.25 -7.21
C CYS A 318 19.06 -9.47 -7.34
N GLU A 319 19.58 -10.61 -6.78
CA GLU A 319 20.99 -10.94 -6.86
C GLU A 319 21.42 -11.29 -8.28
N LYS A 320 20.57 -12.04 -9.01
CA LYS A 320 20.89 -12.35 -10.40
C LYS A 320 20.77 -11.09 -11.29
N ALA A 321 19.87 -10.14 -10.96
CA ALA A 321 19.69 -8.89 -11.73
C ALA A 321 20.81 -7.86 -11.48
N LEU A 322 21.41 -7.88 -10.32
CA LEU A 322 22.49 -6.99 -9.96
C LEU A 322 23.76 -7.23 -10.84
N LYS A 323 23.93 -8.48 -11.33
CA LYS A 323 25.02 -8.94 -12.16
C LYS A 323 24.83 -8.62 -13.67
N TYR A 324 23.57 -8.57 -14.17
CA TYR A 324 23.32 -8.36 -15.59
C TYR A 324 22.57 -7.08 -15.97
N LEU A 325 21.68 -6.64 -15.08
CA LEU A 325 20.84 -5.47 -15.35
C LEU A 325 21.36 -4.18 -14.72
N PRO A 326 21.15 -3.05 -15.39
CA PRO A 326 21.60 -1.76 -14.81
C PRO A 326 20.88 -1.43 -13.51
N ILE A 327 21.63 -1.34 -12.39
CA ILE A 327 21.16 -1.06 -11.02
C ILE A 327 20.24 0.18 -10.85
N ASP A 328 20.32 1.18 -11.76
CA ASP A 328 19.50 2.40 -11.68
C ASP A 328 18.02 2.13 -11.99
N LYS A 329 17.69 1.36 -13.06
CA LYS A 329 16.29 1.05 -13.34
C LYS A 329 15.75 -0.12 -12.52
N CYS A 330 16.45 -0.52 -11.45
CA CYS A 330 15.96 -1.56 -10.56
C CYS A 330 15.43 -0.99 -9.26
N SER A 331 14.31 -1.52 -8.81
CA SER A 331 13.72 -1.11 -7.58
C SER A 331 13.20 -2.32 -6.80
N ARG A 332 13.58 -2.44 -5.52
CA ARG A 332 13.11 -3.52 -4.68
C ARG A 332 11.95 -2.95 -3.82
N ILE A 333 10.68 -3.37 -4.10
CA ILE A 333 9.48 -2.89 -3.39
C ILE A 333 9.35 -3.57 -2.05
N ILE A 334 9.42 -2.77 -0.99
CA ILE A 334 9.37 -3.24 0.39
C ILE A 334 8.15 -2.67 1.11
N PRO A 335 7.28 -3.55 1.64
CA PRO A 335 6.10 -3.07 2.37
C PRO A 335 6.50 -2.38 3.65
N ALA A 336 5.84 -1.24 3.95
CA ALA A 336 6.07 -0.41 5.13
C ALA A 336 6.16 -1.25 6.41
N ARG A 337 5.35 -2.34 6.52
CA ARG A 337 5.43 -3.28 7.64
C ARG A 337 6.58 -4.24 7.35
N ALA A 338 7.84 -3.76 7.53
CA ALA A 338 9.06 -4.49 7.27
C ALA A 338 9.20 -5.64 8.26
N ARG A 339 8.91 -6.86 7.77
CA ARG A 339 8.96 -8.08 8.58
C ARG A 339 10.43 -8.54 8.76
N VAL A 340 11.03 -9.28 7.79
CA VAL A 340 12.43 -9.70 7.93
C VAL A 340 13.33 -9.06 6.84
N GLU A 341 14.61 -8.77 7.19
CA GLU A 341 15.64 -8.16 6.36
C GLU A 341 15.73 -8.77 4.97
N CYS A 342 15.69 -7.91 3.94
CA CYS A 342 15.78 -8.39 2.57
C CYS A 342 16.87 -7.64 1.75
N PHE A 343 16.73 -7.61 0.41
CA PHE A 343 17.69 -7.04 -0.50
C PHE A 343 17.75 -5.51 -0.39
N ASP A 344 18.98 -4.95 -0.17
CA ASP A 344 19.24 -3.51 0.05
C ASP A 344 19.95 -2.74 -1.11
N LYS A 345 20.48 -3.43 -2.12
CA LYS A 345 21.24 -2.76 -3.20
C LYS A 345 20.40 -2.08 -4.32
N PHE A 346 19.06 -1.99 -4.24
CA PHE A 346 18.28 -1.26 -5.25
C PHE A 346 17.54 -0.09 -4.58
N LYS A 347 17.12 0.93 -5.37
CA LYS A 347 16.33 2.05 -4.85
C LYS A 347 14.97 1.49 -4.39
N VAL A 348 14.67 1.59 -3.10
CA VAL A 348 13.47 1.02 -2.49
C VAL A 348 12.16 1.83 -2.75
N ASN A 349 11.07 1.11 -3.05
CA ASN A 349 9.69 1.58 -3.22
C ASN A 349 9.46 2.51 -4.42
N SER A 350 10.37 2.46 -5.42
CA SER A 350 10.16 3.24 -6.64
C SER A 350 9.39 2.32 -7.60
N THR A 351 8.05 2.41 -7.57
CA THR A 351 7.13 1.60 -8.38
C THR A 351 7.34 1.78 -9.91
N LEU A 352 7.92 2.90 -10.32
CA LEU A 352 8.05 3.22 -11.73
C LEU A 352 9.34 2.80 -12.41
N GLU A 353 10.35 2.29 -11.67
CA GLU A 353 11.61 1.82 -12.30
C GLU A 353 11.31 0.66 -13.26
N GLN A 354 12.05 0.56 -14.37
CA GLN A 354 11.85 -0.47 -15.39
C GLN A 354 11.79 -1.91 -14.84
N TYR A 355 12.59 -2.20 -13.81
CA TYR A 355 12.66 -3.50 -13.20
C TYR A 355 12.22 -3.41 -11.76
N VAL A 356 11.07 -4.00 -11.46
CA VAL A 356 10.53 -3.97 -10.13
C VAL A 356 10.53 -5.36 -9.53
N PHE A 357 11.18 -5.52 -8.39
CA PHE A 357 11.25 -6.82 -7.72
C PHE A 357 10.40 -6.67 -6.46
N CYS A 358 9.33 -7.47 -6.32
CA CYS A 358 8.39 -7.31 -5.22
C CYS A 358 7.70 -8.64 -4.86
N THR A 359 7.33 -8.86 -3.58
CA THR A 359 6.59 -10.07 -3.19
C THR A 359 5.10 -9.97 -3.66
N VAL A 360 4.34 -11.08 -3.70
CA VAL A 360 2.94 -11.04 -4.17
C VAL A 360 2.03 -10.17 -3.27
N ASN A 361 2.07 -10.35 -1.91
CA ASN A 361 1.25 -9.57 -0.97
C ASN A 361 1.62 -8.07 -0.88
N ALA A 362 2.76 -7.67 -1.47
CA ALA A 362 3.19 -6.26 -1.46
C ALA A 362 3.04 -5.58 -2.84
N LEU A 363 2.64 -6.33 -3.89
CA LEU A 363 2.51 -5.84 -5.25
C LEU A 363 1.70 -4.59 -5.38
N PRO A 364 2.25 -3.57 -6.04
CA PRO A 364 1.47 -2.37 -6.29
C PRO A 364 0.56 -2.56 -7.52
N GLU A 365 -0.44 -1.69 -7.65
CA GLU A 365 -1.35 -1.74 -8.79
C GLU A 365 -0.70 -1.04 -9.94
N THR A 366 -0.15 -1.83 -10.88
CA THR A 366 0.59 -1.33 -12.04
C THR A 366 0.42 -2.27 -13.29
N THR A 367 1.05 -1.90 -14.40
CA THR A 367 1.04 -2.68 -15.63
C THR A 367 2.48 -2.95 -16.06
N ALA A 368 2.68 -3.96 -16.91
CA ALA A 368 4.03 -4.31 -17.36
C ALA A 368 4.01 -4.97 -18.75
N ASP A 369 5.14 -4.92 -19.46
CA ASP A 369 5.27 -5.60 -20.78
C ASP A 369 5.45 -7.11 -20.51
N ILE A 370 6.23 -7.47 -19.44
CA ILE A 370 6.38 -8.85 -18.97
C ILE A 370 6.24 -8.89 -17.45
N VAL A 371 5.55 -9.91 -16.95
CA VAL A 371 5.49 -10.17 -15.52
C VAL A 371 6.14 -11.56 -15.36
N VAL A 372 7.14 -11.68 -14.47
CA VAL A 372 7.78 -12.97 -14.24
C VAL A 372 7.43 -13.41 -12.82
N PHE A 373 6.73 -14.54 -12.66
CA PHE A 373 6.36 -15.10 -11.36
C PHE A 373 7.23 -16.34 -11.17
N ASP A 374 8.18 -16.26 -10.21
CA ASP A 374 9.16 -17.31 -9.87
C ASP A 374 8.70 -18.18 -8.70
N GLU A 375 9.31 -19.39 -8.58
CA GLU A 375 9.06 -20.40 -7.53
C GLU A 375 7.54 -20.68 -7.52
N ILE A 376 7.01 -21.08 -8.72
CA ILE A 376 5.60 -21.29 -8.94
C ILE A 376 5.02 -22.45 -8.15
N SER A 377 5.83 -23.40 -7.67
CA SER A 377 5.31 -24.47 -6.82
C SER A 377 4.85 -23.94 -5.43
N MET A 378 5.43 -22.82 -4.97
CA MET A 378 5.08 -22.17 -3.70
C MET A 378 3.83 -21.27 -3.77
N ALA A 379 3.30 -21.03 -4.98
CA ALA A 379 2.13 -20.20 -5.14
C ALA A 379 0.88 -20.99 -4.85
N THR A 380 -0.10 -20.35 -4.21
CA THR A 380 -1.43 -20.90 -4.00
C THR A 380 -2.29 -20.31 -5.14
N ASN A 381 -3.52 -20.81 -5.33
CA ASN A 381 -4.40 -20.22 -6.34
C ASN A 381 -4.81 -18.77 -5.92
N TYR A 382 -4.85 -18.49 -4.59
CA TYR A 382 -5.13 -17.17 -4.05
C TYR A 382 -4.02 -16.19 -4.52
N ASP A 383 -2.73 -16.60 -4.43
CA ASP A 383 -1.59 -15.78 -4.89
C ASP A 383 -1.62 -15.57 -6.43
N LEU A 384 -1.98 -16.61 -7.21
CA LEU A 384 -2.08 -16.54 -8.66
C LEU A 384 -3.14 -15.50 -9.05
N SER A 385 -4.27 -15.48 -8.33
CA SER A 385 -5.39 -14.56 -8.57
C SER A 385 -5.00 -13.11 -8.23
N VAL A 386 -4.33 -12.88 -7.08
CA VAL A 386 -3.85 -11.55 -6.64
C VAL A 386 -2.89 -10.97 -7.66
N VAL A 387 -1.97 -11.77 -8.19
CA VAL A 387 -1.03 -11.30 -9.20
C VAL A 387 -1.80 -10.84 -10.45
N ASN A 388 -2.85 -11.57 -10.85
CA ASN A 388 -3.64 -11.16 -12.01
C ASN A 388 -4.51 -9.90 -11.76
N ALA A 389 -4.84 -9.62 -10.50
CA ALA A 389 -5.63 -8.46 -10.11
C ALA A 389 -4.76 -7.18 -9.94
N ARG A 390 -3.53 -7.32 -9.43
CA ARG A 390 -2.65 -6.15 -9.22
C ARG A 390 -1.81 -5.77 -10.47
N LEU A 391 -1.53 -6.76 -11.33
CA LEU A 391 -0.72 -6.54 -12.52
C LEU A 391 -1.46 -6.85 -13.83
N ARG A 392 -1.45 -5.91 -14.76
CA ARG A 392 -2.05 -6.11 -16.08
C ARG A 392 -0.88 -6.14 -17.06
N ALA A 393 -0.54 -7.34 -17.58
CA ALA A 393 0.62 -7.49 -18.45
C ALA A 393 0.33 -7.92 -19.90
N LYS A 394 1.29 -7.59 -20.81
CA LYS A 394 1.22 -8.03 -22.20
C LYS A 394 1.51 -9.55 -22.22
N HIS A 395 2.56 -9.96 -21.42
CA HIS A 395 3.06 -11.34 -21.24
C HIS A 395 3.30 -11.70 -19.80
N TYR A 396 2.89 -12.91 -19.39
CA TYR A 396 3.06 -13.44 -18.03
C TYR A 396 3.91 -14.72 -18.10
N VAL A 397 5.04 -14.78 -17.38
CA VAL A 397 5.88 -15.98 -17.37
C VAL A 397 5.90 -16.61 -15.99
N TYR A 398 5.59 -17.90 -15.88
CA TYR A 398 5.57 -18.63 -14.61
C TYR A 398 6.71 -19.62 -14.57
N ILE A 399 7.71 -19.34 -13.74
CA ILE A 399 8.89 -20.17 -13.59
C ILE A 399 8.83 -20.96 -12.26
N GLY A 400 9.26 -22.22 -12.30
CA GLY A 400 9.25 -23.05 -11.10
C GLY A 400 9.40 -24.52 -11.40
N ASP A 401 9.04 -25.37 -10.44
CA ASP A 401 9.16 -26.81 -10.62
C ASP A 401 8.13 -27.52 -9.77
N PRO A 402 7.20 -28.26 -10.41
CA PRO A 402 6.21 -29.02 -9.62
C PRO A 402 6.79 -30.23 -8.88
N ALA A 403 8.08 -30.52 -9.05
CA ALA A 403 8.82 -31.56 -8.31
C ALA A 403 9.52 -30.97 -7.03
N GLN A 404 9.30 -29.68 -6.75
CA GLN A 404 9.82 -29.05 -5.57
C GLN A 404 8.67 -28.79 -4.58
N LEU A 405 8.98 -28.20 -3.43
CA LEU A 405 8.01 -28.03 -2.36
C LEU A 405 6.91 -27.00 -2.58
N PRO A 406 5.66 -27.32 -2.18
CA PRO A 406 4.57 -26.36 -2.33
C PRO A 406 4.41 -25.48 -1.09
N ALA A 407 3.42 -24.56 -1.10
CA ALA A 407 3.14 -23.72 0.05
C ALA A 407 2.62 -24.59 1.16
N PRO A 408 2.91 -24.26 2.43
CA PRO A 408 2.35 -25.06 3.54
C PRO A 408 0.83 -24.87 3.64
N ARG A 409 0.09 -25.97 3.65
CA ARG A 409 -1.36 -25.92 3.76
C ARG A 409 -1.66 -26.29 5.20
N THR A 410 -1.62 -25.28 6.08
CA THR A 410 -1.77 -25.45 7.52
C THR A 410 -3.01 -26.22 7.98
N LEU A 411 -4.15 -26.14 7.26
CA LEU A 411 -5.34 -26.91 7.68
C LEU A 411 -5.27 -28.38 7.26
N LEU A 412 -4.51 -28.71 6.20
CA LEU A 412 -4.37 -30.06 5.67
C LEU A 412 -3.65 -31.04 6.59
N THR A 413 -4.36 -32.12 6.99
CA THR A 413 -3.84 -33.16 7.88
C THR A 413 -4.08 -34.57 7.36
N LYS A 414 -5.03 -34.76 6.42
CA LYS A 414 -5.35 -36.08 5.92
C LYS A 414 -5.12 -36.23 4.40
N GLY A 415 -4.09 -36.97 4.02
CA GLY A 415 -3.80 -37.20 2.63
C GLY A 415 -2.63 -36.36 2.15
N THR A 416 -2.05 -36.80 1.03
CA THR A 416 -0.92 -36.10 0.43
C THR A 416 -1.41 -35.35 -0.80
N LEU A 417 -1.00 -34.09 -0.90
CA LEU A 417 -1.33 -33.20 -2.02
C LEU A 417 -0.31 -33.40 -3.14
N GLU A 418 -0.72 -33.99 -4.26
CA GLU A 418 0.18 -34.23 -5.39
C GLU A 418 0.52 -32.93 -6.16
N PRO A 419 1.71 -32.88 -6.85
CA PRO A 419 2.10 -31.68 -7.63
C PRO A 419 1.07 -31.08 -8.59
N GLU A 420 0.28 -31.95 -9.22
CA GLU A 420 -0.78 -31.45 -10.12
C GLU A 420 -1.92 -30.72 -9.40
N TYR A 421 -1.81 -30.56 -8.09
CA TYR A 421 -2.84 -29.93 -7.30
C TYR A 421 -2.30 -28.74 -6.46
N PHE A 422 -1.02 -28.33 -6.67
CA PHE A 422 -0.43 -27.23 -5.91
C PHE A 422 -1.16 -25.95 -6.29
N ASN A 423 -1.27 -25.68 -7.57
CA ASN A 423 -1.97 -24.52 -8.11
C ASN A 423 -2.30 -24.82 -9.58
N SER A 424 -2.98 -23.87 -10.26
CA SER A 424 -3.39 -24.01 -11.67
C SER A 424 -2.21 -24.15 -12.61
N VAL A 425 -1.06 -23.48 -12.28
CA VAL A 425 0.13 -23.51 -13.11
C VAL A 425 0.79 -24.87 -13.05
N CYS A 426 0.87 -25.44 -11.81
CA CYS A 426 1.41 -26.78 -11.57
C CYS A 426 0.52 -27.82 -12.15
N ARG A 427 -0.82 -27.66 -12.02
CA ARG A 427 -1.82 -28.53 -12.62
C ARG A 427 -1.56 -28.62 -14.14
N LEU A 428 -1.26 -27.47 -14.77
CA LEU A 428 -0.93 -27.44 -16.18
C LEU A 428 0.39 -28.17 -16.44
N MET A 429 1.50 -27.79 -15.78
CA MET A 429 2.80 -28.44 -15.96
C MET A 429 2.80 -29.96 -15.79
N LYS A 430 1.92 -30.47 -14.94
CA LYS A 430 1.84 -31.89 -14.69
C LYS A 430 0.93 -32.63 -15.68
N THR A 431 0.01 -31.91 -16.36
CA THR A 431 -0.93 -32.56 -17.27
C THR A 431 -0.56 -32.35 -18.76
N ILE A 432 -0.63 -31.08 -19.25
CA ILE A 432 -0.29 -30.76 -20.65
C ILE A 432 1.24 -30.55 -20.87
N GLY A 433 2.01 -30.56 -19.78
CA GLY A 433 3.45 -30.32 -19.79
C GLY A 433 3.80 -28.85 -19.76
N PRO A 434 5.02 -28.51 -19.32
CA PRO A 434 5.42 -27.10 -19.35
C PRO A 434 5.71 -26.65 -20.80
N ASP A 435 5.56 -25.35 -21.07
CA ASP A 435 5.85 -24.82 -22.40
C ASP A 435 7.37 -24.93 -22.65
N MET A 436 8.16 -24.62 -21.63
CA MET A 436 9.62 -24.70 -21.74
C MET A 436 10.16 -25.53 -20.55
N PHE A 437 11.15 -26.40 -20.81
CA PHE A 437 11.79 -27.24 -19.78
C PHE A 437 13.30 -27.08 -19.84
N LEU A 438 13.93 -26.64 -18.72
CA LEU A 438 15.40 -26.53 -18.64
C LEU A 438 15.95 -27.95 -18.28
N GLY A 439 16.55 -28.60 -19.27
CA GLY A 439 16.93 -30.00 -19.14
C GLY A 439 18.29 -30.34 -18.60
N THR A 440 19.19 -29.34 -18.48
CA THR A 440 20.54 -29.62 -17.99
C THR A 440 20.83 -28.98 -16.66
N CYS A 441 21.11 -29.81 -15.66
CA CYS A 441 21.49 -29.35 -14.32
C CYS A 441 22.99 -29.06 -14.24
N ARG A 442 23.35 -27.80 -14.02
CA ARG A 442 24.76 -27.41 -13.93
C ARG A 442 25.27 -27.30 -12.49
N ARG A 443 24.42 -27.60 -11.49
CA ARG A 443 24.83 -27.47 -10.10
C ARG A 443 25.38 -28.73 -9.47
N CYS A 444 24.61 -29.84 -9.56
CA CYS A 444 24.88 -31.02 -8.79
C CYS A 444 25.83 -32.01 -9.40
N PRO A 445 26.56 -32.74 -8.50
CA PRO A 445 27.40 -33.86 -8.96
C PRO A 445 26.49 -34.92 -9.63
N ALA A 446 26.93 -35.54 -10.72
CA ALA A 446 26.11 -36.53 -11.44
C ALA A 446 25.38 -37.57 -10.57
N GLU A 447 25.96 -38.07 -9.46
CA GLU A 447 25.24 -39.03 -8.58
C GLU A 447 23.87 -38.48 -8.15
N ILE A 448 23.82 -37.22 -7.70
CA ILE A 448 22.62 -36.50 -7.30
C ILE A 448 21.70 -36.28 -8.52
N VAL A 449 22.25 -35.83 -9.66
CA VAL A 449 21.44 -35.61 -10.86
C VAL A 449 20.72 -36.90 -11.37
N ASP A 450 21.47 -38.02 -11.44
CA ASP A 450 20.94 -39.28 -11.90
C ASP A 450 19.84 -39.78 -10.95
N THR A 451 20.00 -39.54 -9.63
CA THR A 451 19.01 -39.97 -8.65
C THR A 451 17.69 -39.22 -8.78
N VAL A 452 17.73 -37.85 -8.83
CA VAL A 452 16.51 -37.03 -8.92
C VAL A 452 15.86 -37.13 -10.30
N SER A 453 16.69 -37.27 -11.37
CA SER A 453 16.21 -37.45 -12.74
C SER A 453 15.30 -38.68 -12.80
N ALA A 454 15.72 -39.80 -12.18
CA ALA A 454 14.90 -41.01 -12.13
C ALA A 454 13.69 -40.85 -11.19
N LEU A 455 13.91 -40.27 -10.01
CA LEU A 455 12.87 -40.08 -9.01
C LEU A 455 11.67 -39.19 -9.44
N VAL A 456 11.91 -37.95 -9.95
CA VAL A 456 10.82 -37.02 -10.25
C VAL A 456 10.78 -36.43 -11.69
N TYR A 457 11.82 -36.61 -12.52
CA TYR A 457 11.84 -36.00 -13.86
C TYR A 457 11.79 -36.98 -15.03
N ASP A 458 11.24 -38.19 -14.86
CA ASP A 458 11.16 -39.21 -15.92
C ASP A 458 12.45 -39.37 -16.77
N ASN A 459 13.63 -39.27 -16.14
CA ASN A 459 14.93 -39.40 -16.78
C ASN A 459 15.22 -38.35 -17.85
N LYS A 460 14.56 -37.19 -17.77
CA LYS A 460 14.75 -36.08 -18.71
C LYS A 460 15.73 -35.00 -18.22
N LEU A 461 16.14 -35.06 -16.93
CA LEU A 461 17.11 -34.12 -16.40
C LEU A 461 18.48 -34.74 -16.63
N LYS A 462 19.40 -33.98 -17.23
CA LYS A 462 20.74 -34.48 -17.51
C LYS A 462 21.80 -33.77 -16.68
N ALA A 463 22.87 -34.50 -16.32
CA ALA A 463 23.94 -33.92 -15.50
C ALA A 463 24.94 -33.23 -16.35
N HIS A 464 25.31 -32.00 -15.97
CA HIS A 464 26.38 -31.31 -16.67
C HIS A 464 27.68 -31.70 -15.98
N LYS A 465 27.75 -31.60 -14.64
CA LYS A 465 28.93 -31.96 -13.91
C LYS A 465 29.17 -33.48 -14.00
N ASP A 466 30.43 -33.90 -13.77
CA ASP A 466 30.78 -35.32 -13.68
C ASP A 466 30.32 -35.79 -12.26
N LYS A 467 30.46 -37.10 -11.99
CA LYS A 467 30.23 -37.64 -10.65
C LYS A 467 31.36 -37.06 -9.77
N SER A 468 31.01 -36.44 -8.64
CA SER A 468 32.01 -35.83 -7.78
C SER A 468 32.78 -36.84 -6.92
N ALA A 469 32.21 -38.07 -6.73
CA ALA A 469 32.71 -39.13 -5.84
C ALA A 469 32.72 -38.72 -4.36
N GLN A 470 31.91 -37.70 -4.03
CA GLN A 470 31.75 -37.18 -2.68
C GLN A 470 30.27 -37.23 -2.27
N CYS A 471 29.49 -38.20 -2.79
CA CYS A 471 28.10 -38.34 -2.44
C CYS A 471 28.01 -39.68 -1.83
N PHE A 472 27.72 -39.70 -0.53
CA PHE A 472 27.64 -40.86 0.36
C PHE A 472 26.25 -41.04 0.95
N LYS A 473 25.93 -42.29 1.27
CA LYS A 473 24.67 -42.67 1.86
C LYS A 473 24.89 -43.71 2.94
N MET A 474 24.18 -43.57 4.05
CA MET A 474 24.34 -44.49 5.16
C MET A 474 22.99 -44.84 5.69
N PHE A 475 22.69 -46.14 5.77
CA PHE A 475 21.39 -46.57 6.25
C PHE A 475 21.52 -46.75 7.76
N TYR A 476 20.84 -45.90 8.54
CA TYR A 476 20.92 -45.89 10.01
C TYR A 476 19.62 -45.35 10.61
N LYS A 477 18.78 -46.22 11.18
CA LYS A 477 17.49 -45.75 11.72
C LYS A 477 17.63 -45.00 13.07
N GLY A 478 18.65 -45.34 13.86
CA GLY A 478 18.92 -44.68 15.12
C GLY A 478 17.75 -44.76 16.11
N VAL A 479 17.42 -43.63 16.76
CA VAL A 479 16.37 -43.54 17.76
C VAL A 479 15.62 -42.24 17.53
N ILE A 480 14.29 -42.32 17.41
CA ILE A 480 13.48 -41.13 17.17
C ILE A 480 12.84 -40.62 18.45
N THR A 481 13.19 -39.41 18.83
CA THR A 481 12.60 -38.75 20.00
C THR A 481 11.72 -37.58 19.46
N HIS A 482 10.80 -37.01 20.27
CA HIS A 482 9.98 -35.92 19.76
C HIS A 482 9.91 -34.71 20.69
N ASP A 483 10.18 -33.51 20.15
CA ASP A 483 10.06 -32.22 20.86
C ASP A 483 8.65 -31.79 20.46
N VAL A 484 7.65 -32.27 21.21
CA VAL A 484 6.23 -32.08 20.92
C VAL A 484 5.87 -32.95 19.66
N SER A 485 6.15 -32.46 18.44
CA SER A 485 5.81 -33.18 17.21
C SER A 485 6.97 -33.15 16.16
N SER A 486 7.83 -32.10 16.24
CA SER A 486 9.02 -32.03 15.39
C SER A 486 9.99 -33.08 16.02
N ALA A 487 10.60 -33.92 15.17
CA ALA A 487 11.40 -35.08 15.57
C ALA A 487 12.89 -34.82 15.68
N ILE A 488 13.55 -35.58 16.54
CA ILE A 488 15.00 -35.59 16.77
C ILE A 488 15.51 -37.04 16.64
N ASN A 489 16.71 -37.21 16.14
CA ASN A 489 17.36 -38.49 16.03
C ASN A 489 18.84 -38.20 16.36
N ARG A 490 19.16 -38.21 17.66
CA ARG A 490 20.51 -38.00 18.17
C ARG A 490 21.50 -39.02 17.65
N PRO A 491 21.19 -40.34 17.60
CA PRO A 491 22.13 -41.29 16.98
C PRO A 491 22.55 -40.92 15.52
N GLN A 492 21.63 -40.37 14.69
CA GLN A 492 21.99 -39.93 13.33
C GLN A 492 22.95 -38.72 13.36
N ILE A 493 22.77 -37.81 14.33
CA ILE A 493 23.70 -36.68 14.51
C ILE A 493 25.09 -37.17 15.02
N GLY A 494 25.08 -38.26 15.81
CA GLY A 494 26.25 -38.92 16.35
C GLY A 494 27.04 -39.56 15.25
N VAL A 495 26.36 -40.15 14.27
CA VAL A 495 26.99 -40.71 13.07
C VAL A 495 27.68 -39.57 12.26
N VAL A 496 27.00 -38.41 12.09
CA VAL A 496 27.55 -37.24 11.40
C VAL A 496 28.82 -36.73 12.08
N ARG A 497 28.80 -36.66 13.42
CA ARG A 497 29.94 -36.24 14.25
C ARG A 497 31.18 -37.14 14.02
N GLU A 498 30.96 -38.46 13.98
CA GLU A 498 31.99 -39.46 13.73
C GLU A 498 32.58 -39.29 12.31
N PHE A 499 31.69 -39.04 11.34
CA PHE A 499 32.05 -38.80 9.95
C PHE A 499 32.90 -37.53 9.82
N LEU A 500 32.52 -36.45 10.51
CA LEU A 500 33.25 -35.18 10.44
C LEU A 500 34.69 -35.29 10.97
N THR A 501 34.89 -36.12 12.03
CA THR A 501 36.24 -36.31 12.56
C THR A 501 37.13 -36.97 11.48
N ARG A 502 36.60 -37.88 10.67
CA ARG A 502 37.34 -38.56 9.60
C ARG A 502 37.34 -37.80 8.27
N ASN A 503 36.43 -36.84 8.10
CA ASN A 503 36.31 -36.11 6.84
C ASN A 503 36.23 -34.62 7.13
N PRO A 504 37.34 -34.03 7.62
CA PRO A 504 37.31 -32.62 8.04
C PRO A 504 37.07 -31.61 6.92
N ALA A 505 37.20 -32.03 5.64
CA ALA A 505 36.82 -31.15 4.53
C ALA A 505 35.29 -30.81 4.62
N TRP A 506 34.51 -31.72 5.21
CA TRP A 506 33.08 -31.59 5.43
C TRP A 506 32.70 -30.62 6.55
N ARG A 507 33.73 -29.95 7.21
CA ARG A 507 33.55 -28.94 8.25
C ARG A 507 32.80 -27.71 7.70
N LYS A 508 32.91 -27.47 6.38
CA LYS A 508 32.27 -26.38 5.65
C LYS A 508 30.82 -26.75 5.15
N ALA A 509 30.26 -27.90 5.62
CA ALA A 509 28.95 -28.36 5.20
C ALA A 509 27.81 -27.71 5.97
N VAL A 510 26.64 -27.66 5.32
CA VAL A 510 25.37 -27.18 5.83
C VAL A 510 24.61 -28.39 6.22
N PHE A 511 24.17 -28.45 7.46
CA PHE A 511 23.35 -29.53 7.98
C PHE A 511 21.87 -29.30 7.57
N ILE A 512 21.27 -30.29 6.89
CA ILE A 512 19.88 -30.23 6.45
C ILE A 512 19.09 -31.44 6.96
N SER A 513 17.85 -31.22 7.41
CA SER A 513 16.94 -32.28 7.88
C SER A 513 15.50 -31.83 7.71
N PRO A 514 14.52 -32.77 7.68
CA PRO A 514 13.11 -32.35 7.53
C PRO A 514 12.48 -31.75 8.79
N TYR A 515 13.21 -31.67 9.92
CA TYR A 515 12.70 -31.17 11.22
C TYR A 515 13.58 -30.10 11.85
N ASN A 516 12.96 -29.03 12.36
CA ASN A 516 13.69 -27.94 13.00
C ASN A 516 14.31 -28.35 14.35
N SER A 517 13.67 -29.28 15.08
CA SER A 517 14.20 -29.73 16.36
C SER A 517 15.42 -30.61 16.19
N GLN A 518 15.51 -31.36 15.07
CA GLN A 518 16.68 -32.15 14.72
C GLN A 518 17.84 -31.17 14.43
N ASN A 519 17.55 -30.12 13.63
CA ASN A 519 18.46 -29.03 13.27
C ASN A 519 19.00 -28.29 14.51
N ALA A 520 18.14 -28.10 15.52
CA ALA A 520 18.50 -27.42 16.78
C ALA A 520 19.54 -28.23 17.56
N VAL A 521 19.31 -29.56 17.67
CA VAL A 521 20.22 -30.52 18.33
C VAL A 521 21.54 -30.61 17.53
N ALA A 522 21.46 -30.70 16.20
CA ALA A 522 22.65 -30.79 15.37
C ALA A 522 23.47 -29.50 15.35
N SER A 523 22.85 -28.32 15.59
CA SER A 523 23.60 -27.06 15.63
C SER A 523 24.46 -26.98 16.90
N LYS A 524 23.92 -27.48 18.03
CA LYS A 524 24.59 -27.51 19.31
C LYS A 524 25.72 -28.58 19.32
N ILE A 525 25.46 -29.79 18.77
CA ILE A 525 26.41 -30.91 18.73
C ILE A 525 27.48 -30.82 17.59
N LEU A 526 27.07 -30.51 16.34
CA LEU A 526 28.00 -30.42 15.22
C LEU A 526 28.58 -29.03 15.02
N GLY A 527 27.81 -28.01 15.38
CA GLY A 527 28.23 -26.63 15.17
C GLY A 527 28.12 -26.18 13.73
N LEU A 528 27.55 -27.05 12.82
CA LEU A 528 27.37 -26.73 11.40
C LEU A 528 26.16 -25.82 11.27
N PRO A 529 26.15 -24.95 10.24
CA PRO A 529 24.93 -24.15 9.98
C PRO A 529 23.79 -25.09 9.59
N THR A 530 22.60 -24.78 10.09
CA THR A 530 21.41 -25.59 9.99
C THR A 530 20.42 -25.07 8.94
N GLN A 531 19.49 -25.91 8.52
CA GLN A 531 18.51 -25.54 7.51
C GLN A 531 17.48 -26.66 7.37
N THR A 532 16.17 -26.35 7.34
CA THR A 532 15.19 -27.41 7.07
C THR A 532 15.22 -27.61 5.54
N VAL A 533 14.65 -28.73 5.05
CA VAL A 533 14.58 -28.95 3.60
C VAL A 533 13.78 -27.82 2.93
N ASP A 534 12.68 -27.41 3.59
CA ASP A 534 11.78 -26.35 3.13
C ASP A 534 12.48 -24.99 3.05
N SER A 535 13.27 -24.63 4.07
CA SER A 535 14.00 -23.37 4.03
C SER A 535 15.26 -23.41 3.13
N SER A 536 15.72 -24.60 2.75
CA SER A 536 16.88 -24.73 1.87
C SER A 536 16.52 -24.52 0.37
N GLN A 537 15.22 -24.66 0.00
CA GLN A 537 14.74 -24.50 -1.37
C GLN A 537 15.17 -23.15 -1.96
N GLY A 538 15.78 -23.20 -3.14
CA GLY A 538 16.32 -22.03 -3.82
C GLY A 538 17.80 -21.82 -3.58
N SER A 539 18.35 -22.35 -2.46
CA SER A 539 19.75 -22.20 -2.07
C SER A 539 20.67 -23.33 -2.56
N GLU A 540 21.99 -23.06 -2.66
CA GLU A 540 22.98 -24.07 -3.02
C GLU A 540 24.19 -23.97 -2.12
N TYR A 541 24.79 -25.12 -1.80
CA TYR A 541 25.94 -25.21 -0.91
C TYR A 541 26.92 -26.24 -1.45
N ASP A 542 28.23 -26.05 -1.24
CA ASP A 542 29.23 -27.02 -1.72
C ASP A 542 29.00 -28.39 -1.11
N TYR A 543 28.85 -28.46 0.21
CA TYR A 543 28.63 -29.72 0.90
C TYR A 543 27.37 -29.67 1.72
N VAL A 544 26.61 -30.76 1.69
CA VAL A 544 25.37 -30.86 2.41
C VAL A 544 25.37 -32.15 3.23
N ILE A 545 25.02 -32.06 4.51
CA ILE A 545 24.88 -33.26 5.33
C ILE A 545 23.42 -33.35 5.68
N PHE A 546 22.75 -34.39 5.18
CA PHE A 546 21.32 -34.58 5.37
C PHE A 546 21.00 -35.76 6.28
N THR A 547 20.24 -35.56 7.37
CA THR A 547 19.78 -36.70 8.18
C THR A 547 18.26 -36.83 8.01
N GLN A 548 17.76 -37.95 7.46
CA GLN A 548 16.32 -38.10 7.23
C GLN A 548 15.48 -38.02 8.52
N THR A 549 16.11 -38.26 9.70
CA THR A 549 15.52 -38.24 11.07
C THR A 549 14.47 -39.37 11.32
N THR A 550 13.46 -39.47 10.45
CA THR A 550 12.37 -40.42 10.57
C THR A 550 12.03 -41.04 9.17
N GLU A 551 11.15 -42.03 9.15
CA GLU A 551 10.64 -42.57 7.91
C GLU A 551 9.14 -42.38 7.98
N THR A 552 8.71 -41.12 8.04
CA THR A 552 7.32 -40.70 8.04
C THR A 552 6.89 -40.30 6.61
N ALA A 553 5.60 -39.96 6.41
CA ALA A 553 5.17 -39.48 5.11
C ALA A 553 5.85 -38.10 4.77
N HIS A 554 6.12 -37.29 5.82
CA HIS A 554 6.80 -36.00 5.70
C HIS A 554 8.25 -36.14 5.24
N SER A 555 9.08 -36.93 5.96
CA SER A 555 10.48 -37.10 5.58
C SER A 555 10.65 -37.98 4.35
N CYS A 556 9.62 -38.76 3.95
CA CYS A 556 9.71 -39.57 2.74
C CYS A 556 9.15 -38.90 1.52
N ASN A 557 8.56 -37.68 1.64
CA ASN A 557 7.96 -36.97 0.51
C ASN A 557 9.01 -36.76 -0.60
N VAL A 558 8.72 -37.28 -1.81
CA VAL A 558 9.68 -37.22 -2.90
C VAL A 558 10.05 -35.81 -3.32
N ASN A 559 9.12 -34.84 -3.24
CA ASN A 559 9.45 -33.45 -3.60
C ASN A 559 10.44 -32.85 -2.59
N ARG A 560 10.29 -33.20 -1.29
CA ARG A 560 11.17 -32.76 -0.21
C ARG A 560 12.52 -33.49 -0.36
N PHE A 561 12.50 -34.81 -0.71
CA PHE A 561 13.73 -35.57 -0.91
C PHE A 561 14.59 -34.96 -2.05
N ASN A 562 13.91 -34.61 -3.16
CA ASN A 562 14.46 -33.98 -4.35
C ASN A 562 15.15 -32.64 -4.00
N VAL A 563 14.48 -31.81 -3.18
CA VAL A 563 15.02 -30.51 -2.77
C VAL A 563 16.21 -30.71 -1.86
N ALA A 564 16.10 -31.64 -0.89
CA ALA A 564 17.18 -31.89 0.03
C ALA A 564 18.51 -32.29 -0.65
N ILE A 565 18.48 -33.28 -1.57
CA ILE A 565 19.73 -33.75 -2.17
C ILE A 565 20.23 -32.85 -3.32
N THR A 566 19.35 -32.02 -3.95
CA THR A 566 19.80 -31.12 -5.00
C THR A 566 20.35 -29.76 -4.49
N ARG A 567 20.58 -29.62 -3.17
CA ARG A 567 21.17 -28.39 -2.63
C ARG A 567 22.67 -28.36 -2.85
N ALA A 568 23.33 -29.55 -2.89
CA ALA A 568 24.78 -29.75 -3.01
C ALA A 568 25.37 -29.54 -4.39
N LYS A 569 26.49 -28.82 -4.41
CA LYS A 569 27.25 -28.58 -5.63
C LYS A 569 28.39 -29.58 -5.73
N VAL A 570 28.99 -29.97 -4.58
CA VAL A 570 30.16 -30.85 -4.57
C VAL A 570 29.92 -32.23 -3.94
N GLY A 571 29.52 -32.28 -2.68
CA GLY A 571 29.31 -33.54 -2.00
C GLY A 571 28.09 -33.50 -1.10
N ILE A 572 27.52 -34.67 -0.84
CA ILE A 572 26.38 -34.83 0.04
C ILE A 572 26.56 -36.10 0.86
N LEU A 573 26.19 -36.05 2.14
CA LEU A 573 26.19 -37.23 2.99
C LEU A 573 24.73 -37.37 3.38
N CYS A 574 24.08 -38.50 3.04
CA CYS A 574 22.71 -38.75 3.42
C CYS A 574 22.63 -39.87 4.45
N ILE A 575 22.17 -39.59 5.70
CA ILE A 575 21.98 -40.63 6.73
C ILE A 575 20.50 -40.89 6.63
N MET A 576 20.14 -42.03 6.03
CA MET A 576 18.76 -42.39 5.71
C MET A 576 18.07 -43.28 6.71
N SER A 577 16.73 -43.18 6.75
CA SER A 577 15.87 -44.00 7.59
C SER A 577 14.96 -44.92 6.72
N ASP A 578 14.58 -44.44 5.53
CA ASP A 578 13.71 -45.14 4.60
C ASP A 578 14.55 -46.01 3.70
N ARG A 579 14.26 -47.32 3.67
CA ARG A 579 14.99 -48.28 2.83
C ARG A 579 14.80 -47.96 1.35
N ASP A 580 13.59 -47.56 0.98
CA ASP A 580 13.17 -47.19 -0.37
C ASP A 580 14.07 -46.07 -0.96
N LEU A 581 14.05 -44.86 -0.37
CA LEU A 581 14.84 -43.76 -0.85
C LEU A 581 16.33 -44.00 -0.68
N TYR A 582 16.76 -44.81 0.33
CA TYR A 582 18.19 -45.13 0.47
C TYR A 582 18.66 -45.93 -0.77
N ASP A 583 17.84 -46.90 -1.21
CA ASP A 583 18.13 -47.75 -2.37
C ASP A 583 18.12 -46.98 -3.68
N LYS A 584 17.28 -45.95 -3.77
CA LYS A 584 17.19 -45.09 -4.94
C LYS A 584 18.40 -44.15 -5.03
N LEU A 585 19.03 -43.76 -3.89
CA LEU A 585 20.23 -42.91 -3.91
C LEU A 585 21.39 -43.61 -4.66
N GLN A 586 21.87 -42.97 -5.74
CA GLN A 586 22.98 -43.49 -6.52
C GLN A 586 24.27 -42.91 -6.02
N PHE A 587 24.54 -43.14 -4.71
CA PHE A 587 25.68 -42.65 -3.93
C PHE A 587 26.50 -43.83 -3.42
N THR A 588 27.76 -43.58 -3.07
CA THR A 588 28.65 -44.57 -2.46
C THR A 588 28.13 -44.86 -1.04
N SER A 589 27.83 -46.13 -0.71
CA SER A 589 27.37 -46.46 0.63
C SER A 589 28.53 -46.49 1.65
N LEU A 590 28.28 -46.04 2.90
CA LEU A 590 29.29 -46.06 3.95
C LEU A 590 28.87 -47.05 5.06
N GLU A 591 29.85 -47.68 5.73
CA GLU A 591 29.59 -48.58 6.85
C GLU A 591 29.89 -47.86 8.16
N ILE A 592 29.28 -48.35 9.28
CA ILE A 592 29.35 -47.98 10.72
C ILE A 592 27.94 -48.21 11.34
N VAL B 2 8.66 4.81 -24.87
CA VAL B 2 7.70 5.63 -25.60
C VAL B 2 6.50 5.96 -24.74
N GLY B 3 5.82 7.08 -25.10
CA GLY B 3 4.65 7.68 -24.45
C GLY B 3 4.08 8.84 -25.26
N ALA B 4 3.22 9.65 -24.63
CA ALA B 4 2.59 10.80 -25.27
C ALA B 4 3.11 12.13 -24.72
N CYS B 5 3.26 13.12 -25.62
CA CYS B 5 3.77 14.46 -25.34
C CYS B 5 2.91 15.27 -24.35
N VAL B 6 3.47 15.66 -23.21
CA VAL B 6 2.74 16.46 -22.22
C VAL B 6 2.22 17.82 -22.79
N LEU B 7 2.74 18.28 -23.95
CA LEU B 7 2.33 19.57 -24.51
C LEU B 7 1.45 19.48 -25.77
N CYS B 8 1.66 18.44 -26.58
CA CYS B 8 0.95 18.30 -27.86
C CYS B 8 0.15 17.00 -28.01
N ASN B 9 0.47 16.01 -27.18
CA ASN B 9 -0.03 14.63 -27.21
C ASN B 9 0.65 13.76 -28.28
N SER B 10 1.41 14.36 -29.23
CA SER B 10 2.10 13.62 -30.28
C SER B 10 3.02 12.54 -29.71
N GLN B 11 2.76 11.27 -30.03
CA GLN B 11 3.53 10.09 -29.60
C GLN B 11 5.03 10.30 -29.72
N THR B 12 5.86 9.93 -28.71
CA THR B 12 7.32 10.09 -28.85
C THR B 12 8.19 9.15 -28.05
N SER B 13 9.45 8.92 -28.55
CA SER B 13 10.52 8.17 -27.89
C SER B 13 11.44 9.12 -27.09
N LEU B 14 11.06 10.40 -26.91
CA LEU B 14 11.85 11.41 -26.20
C LEU B 14 11.21 11.78 -24.84
N ARG B 15 12.07 12.06 -23.85
CA ARG B 15 11.72 12.47 -22.50
C ARG B 15 12.78 13.47 -22.09
N CYS B 16 12.42 14.58 -21.39
CA CYS B 16 13.48 15.48 -20.91
C CYS B 16 14.17 14.84 -19.73
N GLY B 17 15.45 14.54 -19.86
CA GLY B 17 16.24 13.95 -18.77
C GLY B 17 16.59 14.95 -17.68
N ALA B 18 16.55 16.28 -18.01
CA ALA B 18 16.85 17.36 -17.07
C ALA B 18 15.64 17.77 -16.22
N CYS B 19 14.40 17.47 -16.71
CA CYS B 19 13.18 17.74 -15.95
C CYS B 19 13.10 16.75 -14.83
N ILE B 20 12.81 17.21 -13.62
CA ILE B 20 12.76 16.31 -12.47
C ILE B 20 11.60 15.26 -12.63
N ARG B 21 10.65 15.49 -13.55
CA ARG B 21 9.57 14.55 -13.84
C ARG B 21 9.70 13.77 -15.16
N ARG B 22 10.78 14.03 -15.92
CA ARG B 22 11.08 13.40 -17.18
C ARG B 22 9.87 13.25 -18.13
N PRO B 23 9.22 14.38 -18.49
CA PRO B 23 8.02 14.29 -19.31
C PRO B 23 8.29 13.87 -20.74
N PHE B 24 7.35 13.13 -21.34
CA PHE B 24 7.49 12.74 -22.73
C PHE B 24 7.27 14.03 -23.58
N LEU B 25 8.21 14.35 -24.47
CA LEU B 25 8.12 15.51 -25.34
C LEU B 25 8.30 15.07 -26.80
N CYS B 26 7.47 15.58 -27.74
CA CYS B 26 7.60 15.21 -29.15
C CYS B 26 8.81 15.88 -29.78
N CYS B 27 9.26 15.42 -30.92
CA CYS B 27 10.39 15.96 -31.66
C CYS B 27 10.32 17.47 -31.83
N LYS B 28 9.11 17.95 -32.12
CA LYS B 28 8.81 19.36 -32.27
C LYS B 28 8.97 20.09 -30.88
N CYS B 29 8.17 19.68 -29.85
CA CYS B 29 8.14 20.32 -28.50
C CYS B 29 9.41 20.14 -27.67
N CYS B 30 10.17 19.08 -27.93
CA CYS B 30 11.41 18.73 -27.23
C CYS B 30 12.50 19.70 -27.63
N TYR B 31 12.61 19.98 -28.94
CA TYR B 31 13.56 20.92 -29.51
C TYR B 31 13.30 22.31 -28.92
N ASP B 32 12.02 22.77 -28.97
CA ASP B 32 11.61 24.07 -28.47
C ASP B 32 11.91 24.27 -26.98
N HIS B 33 12.01 23.15 -26.21
CA HIS B 33 12.36 23.17 -24.78
C HIS B 33 13.89 23.17 -24.58
N VAL B 34 14.63 22.26 -25.26
CA VAL B 34 16.08 22.17 -25.10
C VAL B 34 16.81 23.38 -25.65
N ILE B 35 16.27 24.01 -26.70
CA ILE B 35 16.88 25.20 -27.30
C ILE B 35 16.56 26.52 -26.55
N SER B 36 15.62 26.49 -25.61
CA SER B 36 15.26 27.68 -24.86
C SER B 36 15.49 27.57 -23.36
N THR B 37 15.99 26.42 -22.84
CA THR B 37 16.27 26.25 -21.40
C THR B 37 17.67 25.64 -21.16
N SER B 38 18.13 25.61 -19.89
CA SER B 38 19.37 24.92 -19.52
C SER B 38 19.24 23.39 -19.69
N HIS B 39 18.02 22.88 -19.92
CA HIS B 39 17.71 21.48 -20.04
C HIS B 39 18.15 20.95 -21.38
N LYS B 40 19.27 20.19 -21.41
CA LYS B 40 19.77 19.64 -22.68
C LYS B 40 19.88 18.13 -22.67
N LEU B 41 19.64 17.42 -21.52
CA LEU B 41 19.71 15.96 -21.56
C LEU B 41 18.41 15.39 -22.11
N VAL B 42 18.45 14.68 -23.26
CA VAL B 42 17.25 14.05 -23.87
C VAL B 42 17.32 12.51 -23.68
N LEU B 43 16.18 11.84 -23.36
CA LEU B 43 16.14 10.41 -23.11
C LEU B 43 15.21 9.64 -24.03
N SER B 44 15.72 8.56 -24.63
CA SER B 44 14.94 7.67 -25.49
C SER B 44 15.00 6.26 -24.85
N VAL B 45 15.22 5.20 -25.66
CA VAL B 45 15.52 3.84 -25.22
C VAL B 45 16.90 3.98 -24.50
N ASN B 46 17.86 4.58 -25.21
CA ASN B 46 19.15 4.95 -24.71
C ASN B 46 19.09 6.47 -24.45
N PRO B 47 19.90 6.97 -23.50
CA PRO B 47 19.98 8.42 -23.31
C PRO B 47 20.83 9.01 -24.45
N TYR B 48 20.48 10.23 -24.86
CA TYR B 48 21.24 10.88 -25.91
C TYR B 48 22.44 11.44 -25.21
N VAL B 49 23.49 10.63 -25.21
CA VAL B 49 24.78 10.89 -24.58
C VAL B 49 25.85 10.29 -25.49
N CYS B 50 27.07 10.83 -25.44
CA CYS B 50 28.15 10.32 -26.27
C CYS B 50 28.61 8.93 -25.85
N ASN B 51 28.41 7.94 -26.74
CA ASN B 51 28.79 6.54 -26.56
C ASN B 51 30.31 6.28 -26.76
N ALA B 52 31.12 7.34 -27.01
CA ALA B 52 32.57 7.22 -27.11
C ALA B 52 33.11 7.06 -25.69
N PRO B 53 34.16 6.23 -25.50
CA PRO B 53 34.66 5.97 -24.14
C PRO B 53 35.19 7.18 -23.35
N GLY B 54 34.69 7.35 -22.13
CA GLY B 54 35.10 8.44 -21.25
C GLY B 54 34.73 9.83 -21.73
N CYS B 55 33.70 9.92 -22.59
CA CYS B 55 33.26 11.21 -23.08
C CYS B 55 32.01 11.66 -22.36
N ASP B 56 32.07 12.85 -21.76
CA ASP B 56 30.99 13.45 -20.98
C ASP B 56 30.05 14.37 -21.76
N VAL B 57 29.95 14.22 -23.11
CA VAL B 57 29.02 15.07 -23.88
C VAL B 57 27.60 14.50 -23.75
N THR B 58 26.71 15.20 -22.99
CA THR B 58 25.31 14.84 -22.71
C THR B 58 24.29 15.82 -23.31
N ASP B 59 24.76 16.93 -23.92
CA ASP B 59 23.91 17.96 -24.51
C ASP B 59 23.43 17.52 -25.89
N VAL B 60 22.10 17.40 -26.09
CA VAL B 60 21.44 16.97 -27.33
C VAL B 60 21.78 17.82 -28.59
N THR B 61 22.11 19.11 -28.41
CA THR B 61 22.48 20.02 -29.50
C THR B 61 23.92 19.76 -30.01
N GLN B 62 24.77 19.15 -29.16
CA GLN B 62 26.16 18.78 -29.45
C GLN B 62 26.30 17.30 -29.86
N LEU B 63 25.18 16.60 -30.18
CA LEU B 63 25.21 15.18 -30.51
C LEU B 63 24.64 14.82 -31.87
N TYR B 64 25.06 13.64 -32.39
CA TYR B 64 24.72 13.09 -33.71
C TYR B 64 24.49 11.57 -33.62
N LEU B 65 23.72 10.98 -34.55
CA LEU B 65 23.51 9.53 -34.61
C LEU B 65 24.51 8.84 -35.61
N GLY B 66 25.41 8.01 -35.09
CA GLY B 66 26.41 7.23 -35.84
C GLY B 66 26.00 5.77 -35.98
N GLY B 67 25.09 5.52 -36.91
CA GLY B 67 24.53 4.20 -37.15
C GLY B 67 23.32 4.01 -36.25
N MET B 68 23.53 3.33 -35.13
CA MET B 68 22.51 3.10 -34.10
C MET B 68 22.87 3.69 -32.72
N SER B 69 24.12 4.18 -32.59
CA SER B 69 24.74 4.78 -31.41
C SER B 69 24.86 6.33 -31.51
N TYR B 70 25.16 7.02 -30.40
CA TYR B 70 25.21 8.48 -30.38
C TYR B 70 26.60 8.98 -30.08
N TYR B 71 27.05 10.02 -30.80
CA TYR B 71 28.38 10.57 -30.57
C TYR B 71 28.38 12.11 -30.66
N CYS B 72 29.34 12.76 -30.02
CA CYS B 72 29.47 14.22 -30.08
C CYS B 72 30.17 14.69 -31.40
N LYS B 73 30.48 15.99 -31.53
CA LYS B 73 31.17 16.52 -32.72
C LYS B 73 32.63 15.99 -32.79
N SER B 74 33.28 15.75 -31.63
CA SER B 74 34.67 15.24 -31.53
C SER B 74 34.80 13.73 -31.77
N HIS B 75 33.70 12.97 -31.59
CA HIS B 75 33.77 11.51 -31.73
C HIS B 75 32.93 10.92 -32.85
N LYS B 76 32.03 11.70 -33.43
CA LYS B 76 31.13 11.22 -34.48
C LYS B 76 31.84 10.56 -35.68
N PRO B 77 31.20 9.53 -36.29
CA PRO B 77 31.78 8.93 -37.50
C PRO B 77 31.56 9.82 -38.74
N PRO B 78 32.16 9.51 -39.92
CA PRO B 78 31.94 10.37 -41.10
C PRO B 78 30.45 10.50 -41.45
N ILE B 79 29.74 9.35 -41.50
CA ILE B 79 28.32 9.34 -41.81
C ILE B 79 27.51 9.37 -40.52
N SER B 80 26.99 10.57 -40.18
CA SER B 80 26.19 10.81 -38.97
C SER B 80 25.30 12.04 -39.16
N PHE B 81 24.07 12.02 -38.61
CA PHE B 81 23.17 13.18 -38.72
C PHE B 81 22.86 13.82 -37.35
N PRO B 82 22.78 15.16 -37.26
CA PRO B 82 22.57 15.79 -35.95
C PRO B 82 21.26 15.43 -35.30
N LEU B 83 21.32 15.12 -33.99
CA LEU B 83 20.10 14.77 -33.24
C LEU B 83 19.15 15.98 -33.16
N CYS B 84 19.70 17.15 -32.96
CA CYS B 84 18.93 18.35 -32.76
C CYS B 84 19.16 19.40 -33.87
N ALA B 85 18.29 19.38 -34.91
CA ALA B 85 18.36 20.28 -36.06
C ALA B 85 17.03 20.36 -36.78
N ASN B 86 16.77 21.47 -37.51
CA ASN B 86 15.53 21.64 -38.29
C ASN B 86 14.26 21.70 -37.43
N GLY B 87 14.38 22.24 -36.23
CA GLY B 87 13.25 22.35 -35.31
C GLY B 87 12.80 21.06 -34.65
N GLN B 88 13.65 20.01 -34.70
CA GLN B 88 13.29 18.73 -34.14
C GLN B 88 14.43 18.03 -33.44
N VAL B 89 14.10 17.21 -32.44
CA VAL B 89 15.06 16.32 -31.79
C VAL B 89 14.74 14.93 -32.38
N PHE B 90 15.74 14.29 -32.95
CA PHE B 90 15.60 13.01 -33.58
C PHE B 90 15.11 11.94 -32.60
N GLY B 91 14.20 11.09 -33.04
CA GLY B 91 13.62 10.00 -32.25
C GLY B 91 12.59 9.21 -33.05
N LEU B 92 11.58 8.66 -32.39
CA LEU B 92 10.50 7.95 -33.07
C LEU B 92 9.32 8.88 -33.30
N TYR B 93 8.49 8.56 -34.31
CA TYR B 93 7.26 9.26 -34.69
C TYR B 93 7.50 10.73 -35.06
N LYS B 94 8.62 11.00 -35.79
CA LYS B 94 9.03 12.32 -36.27
C LYS B 94 8.04 12.91 -37.32
N ASN B 95 7.30 12.02 -37.99
CA ASN B 95 6.26 12.33 -38.97
C ASN B 95 4.93 12.76 -38.30
N THR B 96 4.71 12.37 -37.03
CA THR B 96 3.52 12.75 -36.26
C THR B 96 3.94 13.79 -35.17
N CYS B 97 3.96 15.07 -35.56
CA CYS B 97 4.32 16.19 -34.68
C CYS B 97 3.34 17.31 -34.88
N VAL B 98 3.09 18.07 -33.81
CA VAL B 98 2.17 19.19 -33.90
C VAL B 98 2.84 20.50 -33.42
N GLY B 99 3.47 20.46 -32.24
CA GLY B 99 4.14 21.62 -31.63
C GLY B 99 3.18 22.54 -30.89
N SER B 100 3.69 23.40 -30.03
CA SER B 100 2.87 24.37 -29.33
C SER B 100 3.31 25.76 -29.72
N ASP B 101 2.34 26.66 -29.99
CA ASP B 101 2.52 28.07 -30.39
C ASP B 101 3.61 28.80 -29.56
N ASN B 102 3.66 28.48 -28.26
CA ASN B 102 4.63 28.99 -27.28
C ASN B 102 4.76 28.06 -26.05
N VAL B 103 5.81 27.22 -26.09
CA VAL B 103 6.26 26.30 -25.03
C VAL B 103 6.65 27.09 -23.73
N THR B 104 6.44 28.43 -23.72
CA THR B 104 6.84 29.43 -22.73
C THR B 104 6.48 29.08 -21.30
N ASP B 105 5.20 28.72 -21.04
CA ASP B 105 4.68 28.37 -19.71
C ASP B 105 5.16 26.98 -19.27
N PHE B 106 5.41 26.03 -20.24
CA PHE B 106 5.96 24.71 -19.89
C PHE B 106 7.39 24.91 -19.34
N ASN B 107 8.18 25.73 -20.03
CA ASN B 107 9.56 26.01 -19.69
C ASN B 107 9.67 26.58 -18.29
N ALA B 108 8.81 27.55 -17.94
CA ALA B 108 8.79 28.18 -16.64
C ALA B 108 8.45 27.22 -15.50
N ILE B 109 7.52 26.27 -15.72
CA ILE B 109 7.15 25.25 -14.73
C ILE B 109 8.28 24.24 -14.56
N ALA B 110 8.94 23.87 -15.66
CA ALA B 110 10.02 22.90 -15.71
C ALA B 110 11.29 23.39 -15.03
N THR B 111 11.55 24.72 -15.04
CA THR B 111 12.80 25.29 -14.53
C THR B 111 12.68 26.12 -13.21
N CYS B 112 11.46 26.47 -12.75
CA CYS B 112 11.26 27.24 -11.49
C CYS B 112 11.65 26.45 -10.21
N ASP B 113 11.97 27.17 -9.14
CA ASP B 113 12.34 26.57 -7.84
C ASP B 113 11.15 26.43 -6.85
N TRP B 114 9.94 26.92 -7.24
CA TRP B 114 8.70 26.87 -6.48
C TRP B 114 8.77 27.69 -5.17
N THR B 115 9.66 28.69 -5.10
CA THR B 115 9.80 29.54 -3.91
C THR B 115 9.11 30.90 -4.06
N ASN B 116 8.62 31.24 -5.25
CA ASN B 116 7.91 32.49 -5.54
C ASN B 116 6.43 32.15 -5.68
N ALA B 117 5.54 33.07 -5.27
CA ALA B 117 4.09 32.84 -5.40
C ALA B 117 3.64 32.77 -6.87
N GLY B 118 4.38 33.48 -7.75
CA GLY B 118 4.11 33.54 -9.19
C GLY B 118 4.20 32.20 -9.88
N ASP B 119 4.94 31.24 -9.28
CA ASP B 119 5.12 29.86 -9.77
C ASP B 119 3.82 29.06 -9.60
N TYR B 120 3.14 29.28 -8.44
CA TYR B 120 1.86 28.67 -8.05
C TYR B 120 0.67 29.29 -8.78
N ILE B 121 0.80 30.58 -9.18
CA ILE B 121 -0.20 31.31 -9.94
C ILE B 121 -0.20 30.70 -11.35
N LEU B 122 0.99 30.53 -11.97
CA LEU B 122 1.14 29.89 -13.26
C LEU B 122 0.66 28.44 -13.21
N ALA B 123 1.01 27.65 -12.16
CA ALA B 123 0.54 26.25 -12.01
C ALA B 123 -1.00 26.11 -11.95
N ASN B 124 -1.72 27.25 -11.85
CA ASN B 124 -3.15 27.23 -11.79
C ASN B 124 -3.79 27.86 -13.00
N THR B 125 -3.18 28.92 -13.54
CA THR B 125 -3.74 29.62 -14.69
C THR B 125 -3.37 28.98 -16.06
N CYS B 126 -2.46 28.00 -16.08
CA CYS B 126 -2.03 27.31 -17.30
C CYS B 126 -3.12 26.33 -17.85
N THR B 127 -2.81 25.63 -18.95
CA THR B 127 -3.70 24.65 -19.53
C THR B 127 -3.84 23.48 -18.57
N GLU B 128 -4.92 22.70 -18.71
CA GLU B 128 -5.16 21.59 -17.80
C GLU B 128 -4.00 20.60 -17.73
N ARG B 129 -3.44 20.21 -18.89
CA ARG B 129 -2.33 19.24 -18.93
C ARG B 129 -1.05 19.83 -18.26
N LEU B 130 -0.87 21.16 -18.31
CA LEU B 130 0.26 21.85 -17.67
C LEU B 130 0.04 22.04 -16.15
N LYS B 131 -1.24 22.02 -15.68
CA LYS B 131 -1.59 22.05 -14.26
C LYS B 131 -1.11 20.72 -13.65
N LEU B 132 -1.29 19.58 -14.36
CA LEU B 132 -0.85 18.27 -13.87
C LEU B 132 0.66 18.15 -13.86
N PHE B 133 1.33 18.63 -14.92
CA PHE B 133 2.78 18.64 -15.02
C PHE B 133 3.35 19.50 -13.85
N ALA B 134 2.72 20.66 -13.57
CA ALA B 134 3.13 21.55 -12.48
C ALA B 134 2.89 20.89 -11.10
N ALA B 135 1.73 20.23 -10.90
CA ALA B 135 1.40 19.55 -9.66
C ALA B 135 2.35 18.39 -9.37
N GLU B 136 2.83 17.69 -10.40
CA GLU B 136 3.79 16.60 -10.27
C GLU B 136 5.19 17.16 -9.94
N THR B 137 5.63 18.17 -10.72
CA THR B 137 6.95 18.81 -10.61
C THR B 137 7.12 19.46 -9.24
N LEU B 138 6.05 20.12 -8.74
CA LEU B 138 6.02 20.76 -7.44
C LEU B 138 6.08 19.69 -6.36
N LYS B 139 5.24 18.64 -6.41
CA LYS B 139 5.23 17.60 -5.37
C LYS B 139 6.56 16.85 -5.33
N ALA B 140 7.15 16.61 -6.50
CA ALA B 140 8.44 15.95 -6.54
C ALA B 140 9.51 16.88 -6.03
N THR B 141 9.44 18.19 -6.34
CA THR B 141 10.42 19.17 -5.86
C THR B 141 10.36 19.28 -4.33
N GLU B 142 9.15 19.28 -3.74
CA GLU B 142 8.95 19.33 -2.29
C GLU B 142 9.47 18.09 -1.59
N GLU B 143 9.31 16.86 -2.19
CA GLU B 143 9.74 15.56 -1.63
C GLU B 143 11.24 15.44 -1.60
N THR B 144 11.89 15.85 -2.71
CA THR B 144 13.36 15.82 -2.85
C THR B 144 13.99 16.82 -1.89
N PHE B 145 13.30 17.94 -1.60
CA PHE B 145 13.74 18.94 -0.66
C PHE B 145 13.74 18.40 0.79
N LYS B 146 12.79 17.52 1.17
CA LYS B 146 12.73 16.91 2.50
C LYS B 146 14.02 16.12 2.82
N LEU B 147 14.77 15.69 1.77
CA LEU B 147 16.01 14.92 1.88
C LEU B 147 17.23 15.81 2.13
N SER B 148 17.16 17.12 1.76
CA SER B 148 18.25 18.09 1.93
C SER B 148 18.55 18.40 3.38
N TYR B 149 17.58 18.12 4.30
CA TYR B 149 17.65 18.28 5.73
C TYR B 149 18.48 17.16 6.35
N GLY B 150 19.15 17.49 7.43
CA GLY B 150 20.01 16.55 8.12
C GLY B 150 19.29 15.55 9.01
N ILE B 151 19.95 14.40 9.26
CA ILE B 151 19.47 13.31 10.13
C ILE B 151 19.65 13.70 11.60
N ALA B 152 18.56 13.66 12.38
CA ALA B 152 18.54 14.00 13.80
C ALA B 152 18.75 12.73 14.65
N THR B 153 19.77 12.68 15.49
CA THR B 153 20.03 11.49 16.31
C THR B 153 19.87 11.78 17.81
N VAL B 154 19.43 10.81 18.61
CA VAL B 154 19.31 11.00 20.07
C VAL B 154 20.71 10.95 20.70
N ARG B 155 21.12 12.05 21.32
CA ARG B 155 22.42 12.16 21.98
C ARG B 155 22.29 11.66 23.44
N GLU B 156 21.23 12.07 24.12
CA GLU B 156 21.00 11.73 25.51
C GLU B 156 19.51 11.67 25.73
N VAL B 157 19.01 10.57 26.30
CA VAL B 157 17.57 10.47 26.60
C VAL B 157 17.31 11.17 27.95
N LEU B 158 17.32 12.53 27.93
CA LEU B 158 17.13 13.47 29.03
C LEU B 158 16.08 13.03 30.08
N SER B 159 14.90 12.66 29.59
CA SER B 159 13.73 12.21 30.35
C SER B 159 12.64 11.78 29.33
N ASP B 160 11.43 11.47 29.81
CA ASP B 160 10.32 11.17 28.91
C ASP B 160 9.83 12.51 28.34
N ARG B 161 9.32 12.50 27.10
CA ARG B 161 8.85 13.70 26.40
C ARG B 161 9.96 14.75 26.14
N GLU B 162 11.22 14.48 26.53
CA GLU B 162 12.33 15.40 26.32
C GLU B 162 13.61 14.68 25.91
N LEU B 163 14.31 15.22 24.90
CA LEU B 163 15.55 14.65 24.34
C LEU B 163 16.68 15.71 24.21
N HIS B 164 17.88 15.24 23.86
CA HIS B 164 19.03 16.08 23.58
C HIS B 164 19.47 15.57 22.21
N LEU B 165 19.07 16.23 21.09
CA LEU B 165 19.43 15.71 19.76
C LEU B 165 20.76 16.24 19.19
N SER B 166 21.41 15.39 18.37
CA SER B 166 22.66 15.64 17.65
C SER B 166 22.32 15.66 16.13
N TRP B 167 22.76 16.70 15.40
CA TRP B 167 22.38 16.85 14.00
C TRP B 167 23.50 16.56 13.00
N GLU B 168 23.12 16.18 11.77
CA GLU B 168 24.08 15.87 10.72
C GLU B 168 24.82 17.13 10.25
N VAL B 169 26.14 17.04 10.15
CA VAL B 169 26.96 18.14 9.68
C VAL B 169 26.82 18.30 8.16
N GLY B 170 26.82 19.53 7.67
CA GLY B 170 26.74 19.79 6.24
C GLY B 170 25.33 19.79 5.64
N LYS B 171 24.31 19.65 6.48
CA LYS B 171 22.92 19.65 6.00
C LYS B 171 22.05 20.49 6.94
N PRO B 172 21.25 21.41 6.36
CA PRO B 172 20.38 22.27 7.19
C PRO B 172 19.42 21.54 8.14
N ARG B 173 19.04 22.20 9.23
CA ARG B 173 18.13 21.60 10.19
C ARG B 173 16.70 22.11 9.94
N PRO B 174 15.74 21.18 9.76
CA PRO B 174 14.34 21.59 9.52
C PRO B 174 13.61 22.33 10.65
N PRO B 175 12.62 23.16 10.29
CA PRO B 175 11.85 23.88 11.33
C PRO B 175 11.18 22.93 12.30
N LEU B 176 11.51 23.06 13.59
CA LEU B 176 10.96 22.17 14.60
C LEU B 176 9.57 22.61 15.11
N ASN B 177 8.49 22.02 14.57
CA ASN B 177 7.10 22.32 14.94
C ASN B 177 6.09 21.25 14.48
N ARG B 178 4.80 21.32 14.92
CA ARG B 178 3.74 20.35 14.58
C ARG B 178 3.53 20.15 13.05
N ASN B 179 3.95 21.16 12.25
CA ASN B 179 3.86 21.11 10.79
C ASN B 179 4.89 20.14 10.17
N TYR B 180 5.92 19.72 10.94
CA TYR B 180 6.97 18.83 10.48
C TYR B 180 6.97 17.49 11.26
N VAL B 181 6.44 16.42 10.64
CA VAL B 181 6.37 15.10 11.29
C VAL B 181 7.54 14.18 10.89
N PHE B 182 8.39 13.87 11.87
CA PHE B 182 9.56 13.01 11.71
C PHE B 182 9.19 11.56 11.80
N THR B 183 10.15 10.68 11.58
CA THR B 183 9.93 9.25 11.69
C THR B 183 11.16 8.67 12.31
N GLY B 184 11.00 8.12 13.49
CA GLY B 184 12.12 7.52 14.19
C GLY B 184 12.56 6.21 13.59
N TYR B 185 13.81 5.81 13.87
CA TYR B 185 14.42 4.56 13.38
C TYR B 185 15.38 3.99 14.44
N ARG B 186 15.46 2.64 14.61
CA ARG B 186 16.42 1.98 15.55
C ARG B 186 17.53 1.19 14.77
N VAL B 187 18.80 1.37 15.18
CA VAL B 187 19.94 0.78 14.47
C VAL B 187 20.00 -0.75 14.59
N THR B 188 19.38 -1.53 13.66
CA THR B 188 19.43 -3.02 13.71
C THR B 188 20.80 -3.60 13.30
N LYS B 189 21.03 -4.92 13.53
CA LYS B 189 22.25 -5.63 13.19
C LYS B 189 22.87 -5.20 11.82
N ASN B 190 22.04 -5.11 10.76
CA ASN B 190 22.56 -4.66 9.45
C ASN B 190 21.63 -3.74 8.64
N SER B 191 20.65 -3.09 9.29
CA SER B 191 19.78 -2.09 8.65
C SER B 191 19.02 -1.23 9.71
N LYS B 192 17.87 -0.60 9.37
CA LYS B 192 17.09 0.25 10.27
C LYS B 192 15.61 -0.22 10.41
N VAL B 193 15.09 -0.27 11.65
CA VAL B 193 13.70 -0.68 11.87
C VAL B 193 12.82 0.56 12.19
N GLN B 194 11.65 0.75 11.48
CA GLN B 194 10.76 1.92 11.70
C GLN B 194 10.18 1.94 13.13
N ILE B 195 10.37 3.06 13.83
CA ILE B 195 9.92 3.17 15.22
C ILE B 195 8.79 4.24 15.37
N GLY B 196 8.03 4.46 14.31
CA GLY B 196 6.89 5.37 14.32
C GLY B 196 7.20 6.82 13.98
N GLU B 197 6.14 7.64 13.86
CA GLU B 197 6.25 9.08 13.57
C GLU B 197 6.34 9.92 14.85
N TYR B 198 7.07 11.05 14.77
CA TYR B 198 7.35 11.94 15.88
C TYR B 198 7.37 13.41 15.51
N THR B 199 6.59 14.26 16.17
CA THR B 199 6.68 15.70 15.96
C THR B 199 7.54 16.30 17.08
N PHE B 200 8.12 17.49 16.85
CA PHE B 200 8.98 18.10 17.86
C PHE B 200 8.71 19.61 18.08
N GLU B 201 9.27 20.15 19.19
CA GLU B 201 9.22 21.55 19.62
C GLU B 201 10.49 21.82 20.52
N LYS B 202 10.94 23.08 20.65
CA LYS B 202 12.13 23.43 21.46
C LYS B 202 11.80 23.27 22.98
N GLY B 203 12.79 22.97 23.82
CA GLY B 203 12.57 22.77 25.25
C GLY B 203 13.08 23.86 26.18
N ALA B 208 18.41 19.93 23.32
CA ALA B 208 17.41 20.33 24.30
C ALA B 208 16.03 20.50 23.62
N VAL B 209 15.34 19.37 23.28
CA VAL B 209 14.05 19.37 22.56
C VAL B 209 12.91 18.55 23.25
N VAL B 210 11.64 18.72 22.79
CA VAL B 210 10.43 18.08 23.32
C VAL B 210 9.68 17.25 22.23
N TYR B 211 9.47 15.92 22.44
CA TYR B 211 8.83 15.08 21.42
C TYR B 211 7.37 14.72 21.66
N ARG B 212 6.53 14.84 20.62
CA ARG B 212 5.12 14.46 20.65
C ARG B 212 4.97 13.21 19.79
N GLY B 213 5.46 12.10 20.31
CA GLY B 213 5.46 10.82 19.60
C GLY B 213 4.12 10.25 19.27
N THR B 214 3.87 9.99 17.97
CA THR B 214 2.63 9.36 17.53
C THR B 214 2.58 7.84 17.90
N THR B 215 3.42 7.42 18.89
CA THR B 215 3.53 6.09 19.46
C THR B 215 4.27 6.20 20.80
N THR B 216 4.08 5.20 21.68
CA THR B 216 4.69 5.19 23.01
C THR B 216 5.92 4.24 23.09
N TYR B 217 7.10 4.72 22.68
CA TYR B 217 8.34 3.93 22.73
C TYR B 217 9.31 4.47 23.79
N LYS B 218 10.21 3.61 24.29
CA LYS B 218 11.22 4.01 25.26
C LYS B 218 12.52 4.33 24.50
N LEU B 219 12.41 5.25 23.49
CA LEU B 219 13.50 5.64 22.58
C LEU B 219 14.85 5.81 23.28
N ASN B 220 15.77 4.95 22.87
CA ASN B 220 17.11 4.94 23.40
C ASN B 220 18.05 5.78 22.52
N VAL B 221 19.23 6.09 23.05
CA VAL B 221 20.28 6.88 22.40
C VAL B 221 20.75 6.18 21.12
N GLY B 222 20.98 6.94 20.05
CA GLY B 222 21.39 6.37 18.78
C GLY B 222 20.27 6.29 17.79
N ASP B 223 19.01 6.29 18.28
CA ASP B 223 17.83 6.28 17.43
C ASP B 223 17.80 7.61 16.68
N TYR B 224 17.54 7.55 15.38
CA TYR B 224 17.56 8.73 14.56
C TYR B 224 16.17 9.07 13.99
N PHE B 225 16.03 10.24 13.35
CA PHE B 225 14.78 10.82 12.88
C PHE B 225 14.89 11.49 11.52
N VAL B 226 14.15 11.00 10.54
CA VAL B 226 14.15 11.58 9.20
C VAL B 226 12.71 11.96 8.80
N LEU B 227 12.55 13.02 8.00
CA LEU B 227 11.23 13.41 7.49
C LEU B 227 10.89 12.44 6.37
N THR B 228 9.97 11.48 6.62
CA THR B 228 9.67 10.45 5.63
C THR B 228 9.05 10.99 4.36
N SER B 229 9.86 10.95 3.32
CA SER B 229 9.51 11.36 1.98
C SER B 229 8.83 10.19 1.26
N HIS B 230 7.92 10.50 0.35
CA HIS B 230 7.20 9.46 -0.38
C HIS B 230 7.33 9.59 -1.89
N THR B 231 7.00 8.52 -2.60
CA THR B 231 7.12 8.50 -4.05
C THR B 231 5.95 9.27 -4.71
N VAL B 232 6.29 10.24 -5.60
CA VAL B 232 5.30 11.05 -6.34
C VAL B 232 4.91 10.31 -7.61
N MET B 233 3.68 9.77 -7.64
CA MET B 233 3.19 9.07 -8.82
C MET B 233 2.77 10.06 -9.89
N PRO B 234 2.80 9.66 -11.18
CA PRO B 234 2.38 10.59 -12.23
C PRO B 234 0.86 10.79 -12.28
N LEU B 235 0.44 11.96 -12.76
CA LEU B 235 -0.95 12.35 -12.84
C LEU B 235 -1.47 12.11 -14.23
N SER B 236 -2.66 11.54 -14.34
CA SER B 236 -3.26 11.23 -15.63
C SER B 236 -4.58 11.99 -15.83
N ALA B 237 -5.48 11.96 -14.84
CA ALA B 237 -6.80 12.61 -14.87
C ALA B 237 -6.76 14.14 -14.58
N PRO B 238 -7.71 14.93 -15.13
CA PRO B 238 -7.71 16.39 -14.84
C PRO B 238 -8.06 16.74 -13.38
N THR B 239 -7.73 17.96 -12.94
CA THR B 239 -8.04 18.46 -11.60
C THR B 239 -9.54 18.56 -11.46
N LEU B 240 -10.20 19.02 -12.56
CA LEU B 240 -11.64 19.13 -12.74
C LEU B 240 -12.12 18.45 -14.04
N VAL B 241 -13.12 17.58 -13.91
CA VAL B 241 -13.75 16.95 -15.07
C VAL B 241 -14.54 18.05 -15.83
N PRO B 242 -14.86 17.87 -17.12
CA PRO B 242 -15.66 18.92 -17.82
C PRO B 242 -17.04 19.08 -17.17
N GLN B 243 -17.47 20.34 -16.92
CA GLN B 243 -18.75 20.59 -16.30
C GLN B 243 -19.91 20.22 -17.23
N GLU B 244 -20.95 19.63 -16.67
CA GLU B 244 -22.15 19.25 -17.39
C GLU B 244 -23.34 19.78 -16.59
N HIS B 245 -24.23 20.54 -17.21
CA HIS B 245 -25.42 21.04 -16.52
C HIS B 245 -26.61 20.26 -17.01
N TYR B 246 -27.39 19.73 -16.09
CA TYR B 246 -28.55 18.91 -16.41
C TYR B 246 -29.85 19.63 -16.08
N VAL B 247 -30.92 19.27 -16.81
CA VAL B 247 -32.24 19.86 -16.66
C VAL B 247 -33.12 19.10 -15.61
N ARG B 248 -32.64 17.93 -15.13
CA ARG B 248 -33.30 17.09 -14.15
C ARG B 248 -32.23 16.42 -13.33
N ILE B 249 -32.59 15.99 -12.12
CA ILE B 249 -31.68 15.22 -11.28
C ILE B 249 -31.32 13.90 -11.98
N THR B 250 -30.04 13.75 -12.32
CA THR B 250 -29.49 12.63 -13.07
C THR B 250 -28.94 11.49 -12.21
N GLY B 251 -29.49 10.29 -12.36
CA GLY B 251 -29.00 9.10 -11.68
C GLY B 251 -29.11 9.03 -10.18
N LEU B 252 -29.81 10.02 -9.61
CA LEU B 252 -30.02 10.08 -8.17
C LEU B 252 -31.52 10.05 -7.94
N TYR B 253 -31.96 9.44 -6.81
CA TYR B 253 -33.39 9.30 -6.55
C TYR B 253 -33.75 9.85 -5.15
N PRO B 254 -34.36 11.08 -5.13
CA PRO B 254 -34.66 11.75 -3.86
C PRO B 254 -35.72 11.10 -2.96
N THR B 255 -35.53 11.33 -1.67
CA THR B 255 -36.41 10.79 -0.64
C THR B 255 -37.72 11.52 -0.71
N LEU B 256 -38.81 10.87 -0.27
CA LEU B 256 -40.11 11.57 -0.25
C LEU B 256 -40.33 12.26 1.11
N ASN B 257 -39.70 11.72 2.20
CA ASN B 257 -39.76 12.20 3.56
C ASN B 257 -38.35 12.43 4.06
N ILE B 258 -37.99 13.69 4.32
CA ILE B 258 -36.71 14.13 4.90
C ILE B 258 -37.00 14.81 6.25
N SER B 259 -36.05 14.81 7.20
CA SER B 259 -36.31 15.47 8.49
C SER B 259 -36.05 16.96 8.41
N ASP B 260 -36.62 17.74 9.34
CA ASP B 260 -36.45 19.19 9.40
C ASP B 260 -35.00 19.63 9.67
N GLU B 261 -34.14 18.70 10.10
CA GLU B 261 -32.72 18.92 10.32
C GLU B 261 -31.99 19.16 8.99
N PHE B 262 -32.49 18.59 7.88
CA PHE B 262 -31.85 18.77 6.58
C PHE B 262 -32.69 19.54 5.58
N SER B 263 -33.92 19.95 5.96
CA SER B 263 -34.80 20.66 5.05
C SER B 263 -34.19 21.92 4.46
N SER B 264 -33.29 22.59 5.20
CA SER B 264 -32.56 23.79 4.72
C SER B 264 -31.67 23.51 3.52
N ASN B 265 -31.21 22.26 3.39
CA ASN B 265 -30.31 21.91 2.31
C ASN B 265 -30.98 21.17 1.15
N VAL B 266 -32.32 21.03 1.14
CA VAL B 266 -33.01 20.31 0.05
C VAL B 266 -32.82 20.96 -1.33
N ALA B 267 -32.95 22.29 -1.41
CA ALA B 267 -32.75 23.01 -2.66
C ALA B 267 -31.30 22.85 -3.15
N ASN B 268 -30.33 22.80 -2.21
CA ASN B 268 -28.93 22.60 -2.57
C ASN B 268 -28.62 21.13 -2.97
N TYR B 269 -29.29 20.14 -2.34
CA TYR B 269 -29.10 18.73 -2.71
C TYR B 269 -29.60 18.48 -4.12
N GLN B 270 -30.66 19.21 -4.53
CA GLN B 270 -31.22 19.13 -5.88
C GLN B 270 -30.24 19.71 -6.88
N LYS B 271 -29.60 20.85 -6.53
CA LYS B 271 -28.55 21.48 -7.35
C LYS B 271 -27.42 20.46 -7.64
N VAL B 272 -27.06 19.66 -6.62
CA VAL B 272 -26.06 18.59 -6.66
C VAL B 272 -26.40 17.52 -7.73
N GLY B 273 -27.68 17.18 -7.88
CA GLY B 273 -28.11 16.21 -8.88
C GLY B 273 -28.34 16.80 -10.27
N MET B 274 -28.26 18.12 -10.42
CA MET B 274 -28.48 18.79 -11.70
C MET B 274 -27.25 19.39 -12.38
N GLN B 275 -26.05 18.95 -12.01
CA GLN B 275 -24.76 19.32 -12.62
C GLN B 275 -23.71 18.25 -12.32
N LYS B 276 -22.65 18.11 -13.15
CA LYS B 276 -21.65 17.05 -12.96
C LYS B 276 -20.92 17.30 -11.63
N TYR B 277 -20.30 18.48 -11.48
CA TYR B 277 -19.68 18.85 -10.23
C TYR B 277 -20.33 20.12 -9.68
N SER B 278 -20.28 20.28 -8.35
CA SER B 278 -20.81 21.46 -7.70
C SER B 278 -19.92 21.89 -6.55
N THR B 279 -19.74 23.20 -6.37
CA THR B 279 -18.91 23.75 -5.30
C THR B 279 -19.74 24.31 -4.14
N LEU B 280 -19.30 24.02 -2.89
CA LEU B 280 -19.99 24.52 -1.72
C LEU B 280 -19.04 25.30 -0.82
N GLN B 281 -19.29 26.62 -0.67
CA GLN B 281 -18.51 27.42 0.26
C GLN B 281 -19.23 27.43 1.64
N GLY B 282 -18.54 26.93 2.65
CA GLY B 282 -19.08 26.87 3.99
C GLY B 282 -18.20 27.55 5.02
N PRO B 283 -18.51 28.82 5.30
CA PRO B 283 -17.75 29.55 6.35
C PRO B 283 -17.77 28.84 7.71
N PRO B 284 -16.93 29.26 8.68
CA PRO B 284 -16.92 28.57 9.98
C PRO B 284 -18.29 28.34 10.62
N GLY B 285 -18.55 27.10 11.06
CA GLY B 285 -19.79 26.75 11.76
C GLY B 285 -21.09 26.93 10.99
N THR B 286 -21.04 26.79 9.65
CA THR B 286 -22.26 26.93 8.84
C THR B 286 -22.91 25.56 8.52
N GLY B 287 -22.30 24.43 8.90
CA GLY B 287 -22.89 23.11 8.68
C GLY B 287 -22.44 22.31 7.46
N LYS B 288 -21.14 22.25 7.23
CA LYS B 288 -20.56 21.51 6.12
C LYS B 288 -20.70 20.00 6.27
N SER B 289 -20.23 19.39 7.40
CA SER B 289 -20.36 17.92 7.55
C SER B 289 -21.84 17.50 7.67
N HIS B 290 -22.70 18.40 8.21
CA HIS B 290 -24.14 18.18 8.30
C HIS B 290 -24.71 18.11 6.86
N PHE B 291 -24.29 19.05 5.98
CA PHE B 291 -24.68 19.08 4.56
C PHE B 291 -24.23 17.78 3.89
N ALA B 292 -22.94 17.42 4.04
CA ALA B 292 -22.39 16.23 3.44
C ALA B 292 -23.14 14.95 3.82
N ILE B 293 -23.43 14.72 5.13
CA ILE B 293 -24.14 13.50 5.57
C ILE B 293 -25.63 13.54 5.20
N GLY B 294 -26.20 14.73 5.18
CA GLY B 294 -27.59 14.90 4.79
C GLY B 294 -27.88 14.66 3.33
N LEU B 295 -26.86 14.78 2.49
CA LEU B 295 -26.95 14.48 1.06
C LEU B 295 -27.25 12.96 0.91
N ALA B 296 -26.72 12.12 1.82
CA ALA B 296 -26.94 10.68 1.85
C ALA B 296 -28.38 10.33 2.27
N LEU B 297 -29.00 11.15 3.13
CA LEU B 297 -30.38 10.92 3.53
C LEU B 297 -31.37 11.42 2.43
N TYR B 298 -30.93 12.41 1.64
CA TYR B 298 -31.73 12.94 0.55
C TYR B 298 -31.70 12.01 -0.67
N TYR B 299 -30.55 11.42 -1.03
CA TYR B 299 -30.45 10.42 -2.12
C TYR B 299 -30.13 9.14 -1.40
N PRO B 300 -31.14 8.47 -0.81
CA PRO B 300 -30.87 7.34 0.10
C PRO B 300 -30.34 6.06 -0.51
N SER B 301 -30.56 5.91 -1.82
CA SER B 301 -30.16 4.77 -2.65
C SER B 301 -28.73 4.95 -3.24
N ALA B 302 -28.32 6.22 -3.41
CA ALA B 302 -27.04 6.63 -3.98
C ALA B 302 -25.81 6.23 -3.14
N ARG B 303 -24.82 5.61 -3.79
CA ARG B 303 -23.55 5.19 -3.20
C ARG B 303 -22.61 6.42 -3.11
N ILE B 304 -22.22 6.81 -1.88
CA ILE B 304 -21.43 8.01 -1.68
C ILE B 304 -20.05 7.72 -1.13
N VAL B 305 -19.04 8.24 -1.82
CA VAL B 305 -17.68 8.11 -1.34
C VAL B 305 -17.26 9.47 -0.77
N TYR B 306 -17.00 9.51 0.55
CA TYR B 306 -16.58 10.70 1.28
C TYR B 306 -15.08 10.70 1.37
N THR B 307 -14.44 11.76 0.86
CA THR B 307 -13.00 11.90 0.81
C THR B 307 -12.54 13.27 1.27
N ALA B 308 -11.27 13.36 1.69
CA ALA B 308 -10.56 14.56 2.13
C ALA B 308 -9.03 14.25 2.12
N CYS B 309 -8.17 15.28 2.24
CA CYS B 309 -6.72 15.06 2.26
C CYS B 309 -6.28 14.40 3.58
N SER B 310 -6.75 14.96 4.72
CA SER B 310 -6.34 14.47 6.05
C SER B 310 -7.24 13.36 6.64
N HIS B 311 -6.65 12.57 7.56
CA HIS B 311 -7.42 11.55 8.27
C HIS B 311 -8.40 12.23 9.19
N ALA B 312 -8.00 13.33 9.86
CA ALA B 312 -8.82 14.16 10.75
C ALA B 312 -10.10 14.63 10.04
N ALA B 313 -10.01 15.06 8.77
CA ALA B 313 -11.17 15.52 8.03
C ALA B 313 -12.11 14.35 7.68
N VAL B 314 -11.55 13.19 7.28
CA VAL B 314 -12.32 11.97 6.97
C VAL B 314 -13.04 11.44 8.24
N ASP B 315 -12.36 11.49 9.40
CA ASP B 315 -12.87 11.05 10.72
C ASP B 315 -14.00 11.96 11.18
N ALA B 316 -13.90 13.28 10.89
CA ALA B 316 -14.94 14.23 11.23
C ALA B 316 -16.22 13.94 10.43
N LEU B 317 -16.10 13.39 9.18
CA LEU B 317 -17.23 12.97 8.36
C LEU B 317 -17.81 11.60 8.86
N CYS B 318 -16.95 10.72 9.36
CA CYS B 318 -17.32 9.44 9.97
C CYS B 318 -18.13 9.71 11.23
N GLU B 319 -17.68 10.67 12.06
CA GLU B 319 -18.38 10.99 13.29
C GLU B 319 -19.76 11.54 13.01
N LYS B 320 -19.89 12.41 11.98
CA LYS B 320 -21.19 12.94 11.61
C LYS B 320 -22.05 11.83 10.97
N ALA B 321 -21.46 10.84 10.25
CA ALA B 321 -22.22 9.73 9.63
C ALA B 321 -22.69 8.66 10.62
N LEU B 322 -21.97 8.51 11.72
CA LEU B 322 -22.30 7.56 12.78
C LEU B 322 -23.64 7.94 13.49
N LYS B 323 -23.98 9.24 13.47
CA LYS B 323 -25.18 9.84 14.06
C LYS B 323 -26.43 9.75 13.13
N TYR B 324 -26.24 9.78 11.79
CA TYR B 324 -27.38 9.79 10.86
C TYR B 324 -27.50 8.57 9.93
N LEU B 325 -26.36 7.99 9.55
CA LEU B 325 -26.34 6.89 8.60
C LEU B 325 -26.21 5.52 9.26
N PRO B 326 -26.84 4.50 8.64
CA PRO B 326 -26.73 3.13 9.19
C PRO B 326 -25.27 2.61 9.16
N ILE B 327 -24.71 2.31 10.34
CA ILE B 327 -23.32 1.85 10.55
C ILE B 327 -22.89 0.62 9.72
N ASP B 328 -23.81 -0.29 9.45
CA ASP B 328 -23.50 -1.49 8.66
C ASP B 328 -23.44 -1.21 7.14
N LYS B 329 -23.77 0.04 6.71
CA LYS B 329 -23.65 0.54 5.34
C LYS B 329 -22.39 1.44 5.17
N CYS B 330 -21.51 1.51 6.18
CA CYS B 330 -20.35 2.37 6.24
C CYS B 330 -19.05 1.58 6.35
N SER B 331 -18.04 2.09 5.65
CA SER B 331 -16.73 1.49 5.70
C SER B 331 -15.65 2.56 5.73
N ARG B 332 -14.73 2.48 6.69
CA ARG B 332 -13.64 3.42 6.78
C ARG B 332 -12.41 2.75 6.14
N ILE B 333 -11.96 3.22 4.94
CA ILE B 333 -10.83 2.66 4.20
C ILE B 333 -9.52 3.12 4.79
N ILE B 334 -8.74 2.15 5.29
CA ILE B 334 -7.47 2.37 5.96
C ILE B 334 -6.31 1.72 5.21
N PRO B 335 -5.32 2.52 4.80
CA PRO B 335 -4.13 1.93 4.15
C PRO B 335 -3.28 1.17 5.20
N ALA B 336 -2.76 -0.02 4.86
CA ALA B 336 -1.93 -0.76 5.81
C ALA B 336 -0.61 -0.01 6.03
N VAL B 340 -1.06 4.87 11.68
CA VAL B 340 -1.65 6.11 12.20
C VAL B 340 -3.08 5.88 12.73
N GLU B 341 -3.40 6.35 13.95
CA GLU B 341 -4.71 6.05 14.56
C GLU B 341 -5.86 6.95 14.12
N CYS B 342 -6.88 6.33 13.54
CA CYS B 342 -8.02 7.07 13.04
C CYS B 342 -9.38 6.47 13.51
N PHE B 343 -10.47 6.64 12.76
CA PHE B 343 -11.81 6.18 13.10
C PHE B 343 -11.93 4.67 13.05
N ASP B 344 -12.40 4.04 14.14
CA ASP B 344 -12.51 2.58 14.14
C ASP B 344 -13.88 2.05 14.51
N LYS B 345 -14.93 2.81 14.18
CA LYS B 345 -16.28 2.36 14.44
C LYS B 345 -16.98 1.76 13.22
N PHE B 346 -16.33 1.77 12.01
CA PHE B 346 -16.92 1.20 10.79
C PHE B 346 -16.14 -0.05 10.36
N LYS B 347 -16.77 -0.93 9.52
CA LYS B 347 -16.06 -2.10 8.99
C LYS B 347 -14.94 -1.61 8.07
N VAL B 348 -13.68 -1.91 8.43
CA VAL B 348 -12.49 -1.42 7.72
C VAL B 348 -12.19 -2.13 6.39
N ASN B 349 -11.86 -1.29 5.36
CA ASN B 349 -11.40 -1.65 4.02
C ASN B 349 -12.44 -2.36 3.13
N SER B 350 -13.73 -2.31 3.49
CA SER B 350 -14.78 -2.90 2.65
C SER B 350 -15.13 -1.84 1.59
N THR B 351 -14.46 -1.94 0.43
CA THR B 351 -14.59 -1.01 -0.71
C THR B 351 -16.02 -0.97 -1.28
N LEU B 352 -16.80 -2.05 -1.09
CA LEU B 352 -18.13 -2.12 -1.68
C LEU B 352 -19.29 -1.59 -0.83
N GLU B 353 -19.00 -1.13 0.38
CA GLU B 353 -20.01 -0.57 1.25
C GLU B 353 -20.64 0.68 0.61
N GLN B 354 -21.95 0.91 0.83
CA GLN B 354 -22.62 2.07 0.23
C GLN B 354 -21.95 3.40 0.58
N TYR B 355 -21.42 3.52 1.80
CA TYR B 355 -20.75 4.73 2.26
C TYR B 355 -19.33 4.42 2.57
N VAL B 356 -18.41 4.96 1.77
CA VAL B 356 -17.00 4.74 1.95
C VAL B 356 -16.31 6.01 2.37
N PHE B 357 -15.62 6.00 3.50
CA PHE B 357 -14.91 7.17 3.99
C PHE B 357 -13.43 6.84 3.85
N CYS B 358 -12.69 7.62 3.07
CA CYS B 358 -11.30 7.31 2.79
C CYS B 358 -10.47 8.58 2.49
N THR B 359 -9.15 8.61 2.82
CA THR B 359 -8.30 9.77 2.47
C THR B 359 -7.99 9.75 0.94
N VAL B 360 -7.52 10.86 0.36
CA VAL B 360 -7.22 10.91 -1.08
C VAL B 360 -6.11 9.92 -1.49
N ASN B 361 -4.95 9.89 -0.79
CA ASN B 361 -3.83 8.97 -1.15
C ASN B 361 -4.12 7.49 -0.86
N ALA B 362 -5.24 7.17 -0.21
CA ALA B 362 -5.62 5.79 0.05
C ALA B 362 -6.80 5.29 -0.84
N LEU B 363 -7.40 6.21 -1.64
CA LEU B 363 -8.57 5.92 -2.46
C LEU B 363 -8.43 4.70 -3.32
N PRO B 364 -9.41 3.80 -3.23
CA PRO B 364 -9.40 2.65 -4.15
C PRO B 364 -9.99 3.03 -5.51
N GLU B 365 -9.72 2.20 -6.51
CA GLU B 365 -10.25 2.45 -7.85
C GLU B 365 -11.65 1.90 -7.91
N THR B 366 -12.64 2.79 -7.82
CA THR B 366 -14.07 2.47 -7.78
C THR B 366 -14.94 3.57 -8.45
N THR B 367 -16.25 3.37 -8.51
CA THR B 367 -17.20 4.32 -9.05
C THR B 367 -18.25 4.65 -8.00
N ALA B 368 -18.92 5.79 -8.13
CA ALA B 368 -19.92 6.21 -7.16
C ALA B 368 -21.02 7.06 -7.78
N ASP B 369 -22.18 7.09 -7.11
CA ASP B 369 -23.31 7.93 -7.53
C ASP B 369 -22.96 9.39 -7.18
N ILE B 370 -22.40 9.61 -5.98
CA ILE B 370 -21.91 10.91 -5.55
C ILE B 370 -20.50 10.73 -4.92
N VAL B 371 -19.60 11.66 -5.20
CA VAL B 371 -18.31 11.70 -4.52
C VAL B 371 -18.31 13.04 -3.76
N VAL B 372 -18.05 13.03 -2.46
CA VAL B 372 -18.01 14.26 -1.68
C VAL B 372 -16.56 14.49 -1.24
N PHE B 373 -15.94 15.59 -1.68
CA PHE B 373 -14.57 15.95 -1.32
C PHE B 373 -14.68 17.15 -0.37
N ASP B 374 -14.36 16.93 0.93
CA ASP B 374 -14.39 17.93 2.01
C ASP B 374 -13.03 18.64 2.24
N GLU B 375 -13.09 19.82 2.87
CA GLU B 375 -11.98 20.68 3.25
C GLU B 375 -11.20 21.01 1.99
N ILE B 376 -11.89 21.55 0.98
CA ILE B 376 -11.35 21.78 -0.35
C ILE B 376 -10.25 22.85 -0.39
N SER B 377 -10.16 23.76 0.59
CA SER B 377 -9.05 24.74 0.62
C SER B 377 -7.71 24.05 0.88
N MET B 378 -7.73 22.89 1.60
CA MET B 378 -6.54 22.08 1.91
C MET B 378 -6.07 21.17 0.76
N ALA B 379 -6.86 21.05 -0.31
CA ALA B 379 -6.50 20.22 -1.45
C ALA B 379 -5.51 20.95 -2.35
N THR B 380 -4.54 20.21 -2.89
CA THR B 380 -3.63 20.72 -3.91
C THR B 380 -4.23 20.25 -5.26
N ASN B 381 -3.70 20.76 -6.39
CA ASN B 381 -4.16 20.28 -7.70
C ASN B 381 -3.80 18.78 -7.90
N TYR B 382 -2.70 18.33 -7.24
CA TYR B 382 -2.27 16.96 -7.25
C TYR B 382 -3.39 16.07 -6.64
N ASP B 383 -3.92 16.47 -5.49
CA ASP B 383 -4.99 15.73 -4.83
C ASP B 383 -6.28 15.70 -5.67
N LEU B 384 -6.62 16.84 -6.31
CA LEU B 384 -7.79 16.97 -7.17
C LEU B 384 -7.70 16.00 -8.34
N SER B 385 -6.50 15.85 -8.93
CA SER B 385 -6.23 14.98 -10.06
C SER B 385 -6.34 13.49 -9.67
N VAL B 386 -5.76 13.11 -8.51
CA VAL B 386 -5.79 11.74 -7.99
C VAL B 386 -7.24 11.30 -7.76
N VAL B 387 -8.07 12.19 -7.14
CA VAL B 387 -9.47 11.88 -6.92
C VAL B 387 -10.19 11.58 -8.24
N ASN B 388 -9.88 12.35 -9.29
CA ASN B 388 -10.50 12.13 -10.60
C ASN B 388 -10.03 10.84 -11.30
N ALA B 389 -8.82 10.37 -10.96
CA ALA B 389 -8.25 9.15 -11.53
C ALA B 389 -8.75 7.89 -10.82
N ARG B 390 -8.84 7.94 -9.49
CA ARG B 390 -9.28 6.81 -8.68
C ARG B 390 -10.81 6.60 -8.71
N LEU B 391 -11.63 7.70 -8.75
CA LEU B 391 -13.10 7.66 -8.70
C LEU B 391 -13.81 8.18 -9.97
N ARG B 392 -14.74 7.38 -10.51
CA ARG B 392 -15.54 7.79 -11.65
C ARG B 392 -16.98 7.98 -11.13
N ALA B 393 -17.43 9.23 -10.98
CA ALA B 393 -18.74 9.49 -10.39
C ALA B 393 -19.79 10.13 -11.32
N LYS B 394 -21.09 9.93 -10.99
CA LYS B 394 -22.21 10.57 -11.67
C LYS B 394 -22.16 12.07 -11.30
N HIS B 395 -21.93 12.36 -9.97
CA HIS B 395 -21.85 13.68 -9.36
C HIS B 395 -20.69 13.82 -8.42
N TYR B 396 -19.97 14.95 -8.50
CA TYR B 396 -18.84 15.26 -7.63
C TYR B 396 -19.16 16.54 -6.83
N VAL B 397 -19.12 16.50 -5.49
CA VAL B 397 -19.37 17.69 -4.67
C VAL B 397 -18.10 18.10 -3.92
N TYR B 398 -17.66 19.35 -4.06
CA TYR B 398 -16.47 19.87 -3.40
C TYR B 398 -16.88 20.85 -2.31
N ILE B 399 -16.72 20.47 -1.04
CA ILE B 399 -17.08 21.28 0.12
C ILE B 399 -15.82 21.89 0.76
N GLY B 400 -15.92 23.15 1.19
CA GLY B 400 -14.81 23.83 1.83
C GLY B 400 -14.99 25.33 1.87
N ASP B 401 -13.90 26.08 2.06
CA ASP B 401 -13.98 27.54 2.14
C ASP B 401 -12.69 28.13 1.67
N PRO B 402 -12.70 28.90 0.54
CA PRO B 402 -11.45 29.55 0.07
C PRO B 402 -11.00 30.70 0.97
N ALA B 403 -11.78 31.06 2.01
CA ALA B 403 -11.43 32.05 3.03
C ALA B 403 -10.73 31.41 4.25
N GLN B 404 -10.48 30.09 4.21
CA GLN B 404 -9.76 29.37 5.25
C GLN B 404 -8.36 28.98 4.74
N LEU B 405 -7.59 28.32 5.58
CA LEU B 405 -6.20 28.01 5.28
C LEU B 405 -5.99 26.91 4.21
N PRO B 406 -5.00 27.15 3.34
CA PRO B 406 -4.71 26.15 2.31
C PRO B 406 -3.69 25.13 2.80
N ALA B 407 -3.27 24.18 1.93
CA ALA B 407 -2.23 23.20 2.27
C ALA B 407 -0.93 23.98 2.46
N PRO B 408 -0.08 23.59 3.39
CA PRO B 408 1.20 24.32 3.55
C PRO B 408 2.06 24.13 2.30
N ARG B 409 2.53 25.25 1.72
CA ARG B 409 3.38 25.19 0.55
C ARG B 409 4.79 25.41 1.08
N THR B 410 5.41 24.32 1.58
CA THR B 410 6.71 24.36 2.26
C THR B 410 7.82 25.04 1.44
N LEU B 411 7.83 24.95 0.10
CA LEU B 411 8.88 25.60 -0.69
C LEU B 411 8.67 27.12 -0.83
N LEU B 412 7.40 27.58 -0.76
CA LEU B 412 7.03 28.98 -0.93
C LEU B 412 7.52 29.92 0.18
N THR B 413 8.33 30.92 -0.20
CA THR B 413 8.89 31.91 0.72
C THR B 413 8.73 33.36 0.24
N LYS B 414 8.48 33.58 -1.05
CA LYS B 414 8.37 34.92 -1.60
C LYS B 414 7.01 35.20 -2.23
N GLY B 415 6.20 36.00 -1.55
CA GLY B 415 4.89 36.37 -2.05
C GLY B 415 3.79 35.64 -1.33
N THR B 416 2.58 36.21 -1.39
CA THR B 416 1.40 35.60 -0.76
C THR B 416 0.58 34.89 -1.84
N LEU B 417 0.17 33.64 -1.56
CA LEU B 417 -0.68 32.83 -2.43
C LEU B 417 -2.15 33.15 -2.16
N GLU B 418 -2.83 33.82 -3.09
CA GLU B 418 -4.23 34.19 -2.89
C GLU B 418 -5.18 32.97 -3.01
N PRO B 419 -6.39 33.03 -2.35
CA PRO B 419 -7.36 31.91 -2.43
C PRO B 419 -7.70 31.38 -3.82
N GLU B 420 -7.73 32.29 -4.82
CA GLU B 420 -7.99 31.87 -6.20
C GLU B 420 -6.86 31.03 -6.81
N TYR B 421 -5.81 30.73 -6.05
CA TYR B 421 -4.68 29.98 -6.52
C TYR B 421 -4.36 28.74 -5.64
N PHE B 422 -5.25 28.40 -4.67
CA PHE B 422 -5.03 27.24 -3.78
C PHE B 422 -5.15 25.99 -4.62
N ASN B 423 -6.21 25.87 -5.39
CA ASN B 423 -6.42 24.77 -6.31
C ASN B 423 -7.46 25.22 -7.35
N SER B 424 -7.79 24.36 -8.34
CA SER B 424 -8.76 24.64 -9.38
C SER B 424 -10.17 24.89 -8.85
N VAL B 425 -10.54 24.22 -7.73
CA VAL B 425 -11.86 24.37 -7.12
C VAL B 425 -11.98 25.74 -6.47
N CYS B 426 -10.92 26.16 -5.75
CA CYS B 426 -10.86 27.47 -5.12
C CYS B 426 -10.79 28.55 -6.17
N ARG B 427 -10.01 28.32 -7.26
CA ARG B 427 -9.92 29.22 -8.41
C ARG B 427 -11.33 29.49 -8.95
N LEU B 428 -12.17 28.44 -9.02
CA LEU B 428 -13.57 28.57 -9.42
C LEU B 428 -14.36 29.38 -8.38
N MET B 429 -14.39 28.97 -7.11
CA MET B 429 -15.13 29.67 -6.05
C MET B 429 -14.80 31.15 -5.93
N LYS B 430 -13.57 31.53 -6.27
CA LYS B 430 -13.17 32.92 -6.19
C LYS B 430 -13.45 33.72 -7.47
N THR B 431 -13.64 33.05 -8.62
CA THR B 431 -13.87 33.75 -9.88
C THR B 431 -15.37 33.70 -10.32
N ILE B 432 -15.92 32.51 -10.62
CA ILE B 432 -17.33 32.35 -11.02
C ILE B 432 -18.30 32.24 -9.80
N GLY B 433 -17.75 32.18 -8.56
CA GLY B 433 -18.50 32.03 -7.32
C GLY B 433 -18.82 30.59 -6.99
N PRO B 434 -19.09 30.25 -5.72
CA PRO B 434 -19.50 28.87 -5.42
C PRO B 434 -20.94 28.61 -5.87
N ASP B 435 -21.22 27.35 -6.21
CA ASP B 435 -22.57 26.98 -6.64
C ASP B 435 -23.53 27.12 -5.44
N MET B 436 -23.07 26.66 -4.27
CA MET B 436 -23.87 26.73 -3.08
C MET B 436 -23.10 27.38 -1.97
N PHE B 437 -23.80 28.17 -1.16
CA PHE B 437 -23.17 28.86 -0.04
C PHE B 437 -23.99 28.67 1.25
N LEU B 438 -23.34 28.15 2.34
CA LEU B 438 -23.99 28.03 3.66
C LEU B 438 -23.87 29.41 4.35
N GLY B 439 -25.00 30.10 4.41
CA GLY B 439 -25.03 31.48 4.81
C GLY B 439 -25.21 31.80 6.26
N THR B 440 -25.59 30.81 7.09
CA THR B 440 -25.78 31.10 8.51
C THR B 440 -24.79 30.41 9.42
N CYS B 441 -24.00 31.20 10.14
CA CYS B 441 -23.03 30.69 11.11
C CYS B 441 -23.71 30.44 12.47
N ARG B 442 -23.75 29.19 12.91
CA ARG B 442 -24.38 28.85 14.19
C ARG B 442 -23.40 28.77 15.38
N ARG B 443 -22.09 28.98 15.12
CA ARG B 443 -21.10 28.84 16.15
C ARG B 443 -20.76 30.13 16.91
N CYS B 444 -20.40 31.18 16.19
CA CYS B 444 -19.79 32.36 16.75
C CYS B 444 -20.73 33.44 17.26
N PRO B 445 -20.26 34.18 18.31
CA PRO B 445 -20.99 35.37 18.76
C PRO B 445 -21.07 36.39 17.61
N ALA B 446 -22.19 37.10 17.44
CA ALA B 446 -22.35 38.06 16.35
C ALA B 446 -21.17 39.00 16.09
N GLU B 447 -20.45 39.52 17.11
CA GLU B 447 -19.26 40.38 16.89
C GLU B 447 -18.26 39.74 15.92
N ILE B 448 -17.93 38.44 16.15
CA ILE B 448 -17.05 37.63 15.34
C ILE B 448 -17.67 37.41 13.95
N VAL B 449 -18.96 37.04 13.88
CA VAL B 449 -19.62 36.82 12.59
C VAL B 449 -19.63 38.10 11.69
N ASP B 450 -19.99 39.24 12.27
CA ASP B 450 -20.02 40.50 11.54
C ASP B 450 -18.62 40.88 11.05
N THR B 451 -17.57 40.58 11.85
CA THR B 451 -16.20 40.92 11.45
C THR B 451 -15.74 40.11 10.26
N VAL B 452 -15.90 38.76 10.30
CA VAL B 452 -15.42 37.89 9.22
C VAL B 452 -16.33 38.02 7.97
N SER B 453 -17.64 38.25 8.17
CA SER B 453 -18.58 38.49 7.08
C SER B 453 -18.11 39.69 6.23
N ALA B 454 -17.69 40.79 6.87
CA ALA B 454 -17.17 41.95 6.15
C ALA B 454 -15.78 41.68 5.57
N LEU B 455 -14.89 41.05 6.36
CA LEU B 455 -13.52 40.74 5.95
C LEU B 455 -13.37 39.84 4.71
N VAL B 456 -14.03 38.65 4.69
CA VAL B 456 -13.82 37.68 3.62
C VAL B 456 -15.11 37.15 2.89
N TYR B 457 -16.34 37.43 3.37
CA TYR B 457 -17.58 36.88 2.77
C TYR B 457 -18.53 37.90 2.14
N ASP B 458 -18.06 39.08 1.70
CA ASP B 458 -18.90 40.14 1.09
C ASP B 458 -20.23 40.44 1.84
N ASN B 459 -20.24 40.35 3.17
CA ASN B 459 -21.40 40.60 4.03
C ASN B 459 -22.55 39.63 3.82
N LYS B 460 -22.26 38.44 3.29
CA LYS B 460 -23.28 37.42 3.05
C LYS B 460 -23.36 36.36 4.17
N LEU B 461 -22.41 36.36 5.13
CA LEU B 461 -22.46 35.43 6.24
C LEU B 461 -23.30 36.10 7.32
N LYS B 462 -24.31 35.40 7.84
CA LYS B 462 -25.18 35.96 8.85
C LYS B 462 -25.02 35.22 10.19
N ALA B 463 -25.19 35.97 11.28
CA ALA B 463 -25.01 35.41 12.61
C ALA B 463 -26.31 34.83 13.08
N HIS B 464 -26.27 33.63 13.64
CA HIS B 464 -27.44 32.98 14.22
C HIS B 464 -27.46 33.31 15.75
N LYS B 465 -26.30 33.28 16.42
CA LYS B 465 -26.21 33.72 17.81
C LYS B 465 -26.30 35.26 17.88
N ASP B 466 -26.70 35.77 19.04
CA ASP B 466 -26.67 37.22 19.29
C ASP B 466 -25.20 37.61 19.61
N LYS B 467 -24.95 38.92 19.81
CA LYS B 467 -23.64 39.39 20.25
C LYS B 467 -23.46 38.87 21.68
N SER B 468 -22.34 38.20 21.95
CA SER B 468 -22.09 37.64 23.28
C SER B 468 -21.64 38.69 24.32
N ALA B 469 -21.13 39.84 23.85
CA ALA B 469 -20.51 40.92 24.65
C ALA B 469 -19.24 40.47 25.38
N GLN B 470 -18.63 39.38 24.90
CA GLN B 470 -17.40 38.83 25.45
C GLN B 470 -16.32 38.76 24.36
N CYS B 471 -16.36 39.67 23.38
CA CYS B 471 -15.42 39.72 22.28
C CYS B 471 -14.63 41.05 22.46
N PHE B 472 -13.36 40.95 22.93
CA PHE B 472 -12.49 42.07 23.24
C PHE B 472 -11.27 42.13 22.34
N LYS B 473 -10.74 43.35 22.17
CA LYS B 473 -9.57 43.63 21.38
C LYS B 473 -8.69 44.65 22.07
N MET B 474 -7.39 44.41 22.08
N MET B 474 -7.38 44.41 22.07
CA MET B 474 -6.42 45.36 22.61
CA MET B 474 -6.39 45.32 22.65
C MET B 474 -5.36 45.55 21.59
C MET B 474 -5.33 45.54 21.61
N PHE B 475 -4.90 46.78 21.47
CA PHE B 475 -3.83 47.10 20.54
C PHE B 475 -2.54 47.21 21.40
N TYR B 476 -1.62 46.27 21.23
CA TYR B 476 -0.39 46.19 22.02
C TYR B 476 0.76 45.52 21.19
N LYS B 477 1.75 46.31 20.73
CA LYS B 477 2.79 45.73 19.89
C LYS B 477 3.85 44.95 20.69
N GLY B 478 4.07 45.32 21.96
CA GLY B 478 4.99 44.59 22.82
C GLY B 478 6.42 44.54 22.35
N VAL B 479 7.05 43.36 22.44
CA VAL B 479 8.44 43.14 22.02
C VAL B 479 8.50 41.83 21.26
N ILE B 480 9.04 41.85 20.03
CA ILE B 480 9.15 40.65 19.24
C ILE B 480 10.56 40.05 19.31
N THR B 481 10.63 38.82 19.85
CA THR B 481 11.86 38.07 19.89
C THR B 481 11.75 36.93 18.86
N HIS B 482 12.88 36.64 18.20
CA HIS B 482 12.93 35.65 17.14
C HIS B 482 13.84 34.52 17.50
N ASP B 483 13.42 33.31 17.19
CA ASP B 483 14.29 32.17 17.32
C ASP B 483 14.71 31.74 15.87
N VAL B 484 14.91 30.44 15.62
CA VAL B 484 15.34 29.97 14.32
C VAL B 484 14.22 29.98 13.23
N SER B 485 12.93 29.83 13.61
CA SER B 485 11.86 29.77 12.60
C SER B 485 10.48 30.26 13.10
N SER B 486 10.46 30.95 14.25
CA SER B 486 9.21 31.39 14.84
C SER B 486 9.40 32.74 15.56
N ALA B 487 8.30 33.33 16.04
CA ALA B 487 8.36 34.54 16.82
C ALA B 487 7.68 34.36 18.17
N ILE B 488 8.15 35.12 19.15
CA ILE B 488 7.67 35.19 20.52
C ILE B 488 7.41 36.70 20.85
N ASN B 489 6.39 36.96 21.65
CA ASN B 489 6.05 38.28 22.12
C ASN B 489 5.61 38.05 23.55
N ARG B 490 6.60 38.01 24.47
CA ARG B 490 6.35 37.85 25.91
C ARG B 490 5.50 38.97 26.49
N PRO B 491 5.71 40.26 26.16
CA PRO B 491 4.78 41.30 26.64
C PRO B 491 3.29 41.07 26.29
N GLN B 492 2.97 40.49 25.10
CA GLN B 492 1.57 40.15 24.77
C GLN B 492 1.03 39.02 25.65
N ILE B 493 1.90 38.04 26.02
CA ILE B 493 1.52 36.95 26.94
C ILE B 493 1.37 37.51 28.36
N GLY B 494 2.20 38.49 28.70
CA GLY B 494 2.13 39.23 29.95
C GLY B 494 0.77 39.91 30.08
N VAL B 495 0.33 40.61 29.02
CA VAL B 495 -0.98 41.28 28.98
C VAL B 495 -2.10 40.25 29.24
N VAL B 496 -2.01 39.04 28.60
CA VAL B 496 -2.97 37.95 28.77
C VAL B 496 -3.01 37.50 30.22
N ARG B 497 -1.83 37.35 30.85
CA ARG B 497 -1.66 36.95 32.26
C ARG B 497 -2.37 37.94 33.21
N GLU B 498 -2.21 39.26 32.97
CA GLU B 498 -2.85 40.33 33.73
C GLU B 498 -4.37 40.26 33.56
N PHE B 499 -4.84 40.02 32.32
CA PHE B 499 -6.25 39.88 31.97
C PHE B 499 -6.84 38.67 32.69
N LEU B 500 -6.14 37.53 32.71
CA LEU B 500 -6.63 36.30 33.35
C LEU B 500 -6.78 36.46 34.85
N THR B 501 -5.86 37.21 35.53
CA THR B 501 -5.99 37.43 36.97
C THR B 501 -7.26 38.24 37.26
N ARG B 502 -7.58 39.22 36.41
CA ARG B 502 -8.79 40.00 36.52
C ARG B 502 -10.07 39.33 35.94
N ASN B 503 -9.99 38.28 35.06
CA ASN B 503 -11.11 37.61 34.37
C ASN B 503 -10.93 36.12 34.45
N PRO B 504 -10.99 35.53 35.66
CA PRO B 504 -10.69 34.10 35.81
C PRO B 504 -11.68 33.17 35.12
N ALA B 505 -12.86 33.66 34.70
CA ALA B 505 -13.76 32.82 33.89
C ALA B 505 -13.06 32.44 32.54
N TRP B 506 -12.09 33.27 32.11
CA TRP B 506 -11.30 33.04 30.91
C TRP B 506 -10.19 31.99 31.10
N ARG B 507 -10.06 31.38 32.29
CA ARG B 507 -9.06 30.35 32.50
C ARG B 507 -9.48 29.04 31.78
N LYS B 508 -10.73 28.90 31.33
CA LYS B 508 -11.20 27.81 30.48
C LYS B 508 -10.89 28.07 28.95
N ALA B 509 -10.13 29.13 28.64
CA ALA B 509 -9.80 29.51 27.27
C ALA B 509 -8.64 28.71 26.68
N VAL B 510 -8.62 28.63 25.34
CA VAL B 510 -7.59 28.04 24.52
C VAL B 510 -6.80 29.17 23.99
N PHE B 511 -5.49 29.14 24.18
CA PHE B 511 -4.56 30.15 23.69
C PHE B 511 -4.22 29.85 22.21
N ILE B 512 -4.45 30.81 21.32
CA ILE B 512 -4.15 30.67 19.91
C ILE B 512 -3.21 31.81 19.41
N SER B 513 -2.23 31.46 18.58
CA SER B 513 -1.30 32.43 17.99
C SER B 513 -0.78 31.92 16.63
N PRO B 514 -0.25 32.78 15.77
CA PRO B 514 0.29 32.29 14.48
C PRO B 514 1.65 31.59 14.56
N TYR B 515 2.28 31.51 15.75
CA TYR B 515 3.61 30.90 15.95
C TYR B 515 3.64 29.86 17.05
N ASN B 516 4.29 28.72 16.78
CA ASN B 516 4.39 27.66 17.78
C ASN B 516 5.31 28.03 18.96
N SER B 517 6.34 28.89 18.73
CA SER B 517 7.21 29.32 19.81
C SER B 517 6.55 30.28 20.76
N GLN B 518 5.59 31.08 20.27
CA GLN B 518 4.78 31.97 21.09
C GLN B 518 3.88 31.07 21.99
N ASN B 519 3.25 30.04 21.38
CA ASN B 519 2.40 29.06 22.03
C ASN B 519 3.16 28.28 23.12
N ALA B 520 4.44 27.99 22.89
CA ALA B 520 5.28 27.25 23.82
C ALA B 520 5.51 28.08 25.12
N VAL B 521 5.84 29.38 24.93
CA VAL B 521 6.06 30.35 26.00
C VAL B 521 4.75 30.59 26.76
N ALA B 522 3.62 30.74 26.03
CA ALA B 522 2.32 30.96 26.65
C ALA B 522 1.80 29.73 27.40
N SER B 523 2.23 28.49 27.01
CA SER B 523 1.78 27.29 27.73
C SER B 523 2.44 27.19 29.11
N LYS B 524 3.74 27.58 29.18
CA LYS B 524 4.53 27.59 30.40
C LYS B 524 4.09 28.73 31.35
N ILE B 525 3.83 29.95 30.81
CA ILE B 525 3.42 31.14 31.57
C ILE B 525 1.91 31.19 31.94
N LEU B 526 1.02 30.93 30.99
CA LEU B 526 -0.42 30.99 31.26
C LEU B 526 -1.00 29.66 31.71
N GLY B 527 -0.41 28.57 31.24
CA GLY B 527 -0.94 27.24 31.55
C GLY B 527 -2.20 26.90 30.78
N LEU B 528 -2.60 27.76 29.81
CA LEU B 528 -3.75 27.49 28.97
C LEU B 528 -3.34 26.51 27.88
N PRO B 529 -4.28 25.69 27.39
CA PRO B 529 -3.96 24.82 26.23
C PRO B 529 -3.67 25.70 25.00
N THR B 530 -2.69 25.29 24.17
CA THR B 530 -2.33 26.10 23.00
C THR B 530 -2.60 25.38 21.67
N GLN B 531 -2.79 26.19 20.63
CA GLN B 531 -3.05 25.79 19.25
C GLN B 531 -2.56 26.88 18.34
N THR B 532 -1.88 26.52 17.25
CA THR B 532 -1.54 27.52 16.23
C THR B 532 -2.85 27.79 15.49
N VAL B 533 -2.92 28.87 14.71
CA VAL B 533 -4.13 29.15 13.93
C VAL B 533 -4.40 28.00 12.92
N ASP B 534 -3.30 27.49 12.32
CA ASP B 534 -3.33 26.41 11.36
C ASP B 534 -3.84 25.09 11.98
N SER B 535 -3.38 24.75 13.19
CA SER B 535 -3.86 23.54 13.86
C SER B 535 -5.24 23.70 14.49
N SER B 536 -5.73 24.94 14.64
CA SER B 536 -7.05 25.18 15.20
C SER B 536 -8.17 25.02 14.16
N GLN B 537 -7.85 25.07 12.84
CA GLN B 537 -8.81 24.93 11.74
C GLN B 537 -9.65 23.65 11.89
N GLY B 538 -10.97 23.83 11.85
CA GLY B 538 -11.90 22.74 12.05
C GLY B 538 -12.40 22.56 13.48
N SER B 539 -11.64 23.07 14.47
CA SER B 539 -11.99 22.98 15.92
C SER B 539 -12.78 24.21 16.44
N GLU B 540 -13.51 24.04 17.55
CA GLU B 540 -14.22 25.14 18.17
C GLU B 540 -14.04 25.09 19.67
N TYR B 541 -14.00 26.26 20.32
CA TYR B 541 -13.79 26.40 21.76
C TYR B 541 -14.68 27.52 22.30
N ASP B 542 -15.16 27.43 23.55
CA ASP B 542 -16.01 28.48 24.14
C ASP B 542 -15.28 29.81 24.18
N TYR B 543 -14.05 29.82 24.72
CA TYR B 543 -13.27 31.04 24.82
C TYR B 543 -11.95 30.87 24.16
N VAL B 544 -11.52 31.90 23.44
CA VAL B 544 -10.28 31.87 22.71
C VAL B 544 -9.48 33.12 23.06
N ILE B 545 -8.20 32.95 23.40
CA ILE B 545 -7.34 34.11 23.63
C ILE B 545 -6.31 34.09 22.52
N PHE B 546 -6.32 35.10 21.68
CA PHE B 546 -5.45 35.17 20.52
C PHE B 546 -4.42 36.28 20.63
N THR B 547 -3.09 35.98 20.51
CA THR B 547 -2.09 37.04 20.47
C THR B 547 -1.47 37.06 19.05
N GLN B 548 -1.63 38.16 18.31
CA GLN B 548 -1.11 38.24 16.96
C GLN B 548 0.42 38.05 16.85
N THR B 549 1.15 38.28 17.97
CA THR B 549 2.62 38.16 18.11
C THR B 549 3.45 39.22 17.29
N THR B 550 3.19 39.31 15.99
CA THR B 550 3.89 40.18 15.07
C THR B 550 2.87 40.84 14.07
N GLU B 551 3.34 41.79 13.26
CA GLU B 551 2.55 42.34 12.19
C GLU B 551 3.32 42.06 10.93
N THR B 552 3.49 40.77 10.63
CA THR B 552 4.13 40.27 9.41
C THR B 552 3.04 39.91 8.37
N ALA B 553 3.43 39.53 7.14
CA ALA B 553 2.47 39.07 6.16
C ALA B 553 1.80 37.74 6.65
N HIS B 554 2.55 36.89 7.42
CA HIS B 554 2.05 35.63 7.99
C HIS B 554 0.95 35.87 9.05
N SER B 555 1.23 36.67 10.08
CA SER B 555 0.24 36.95 11.11
C SER B 555 -0.87 37.87 10.64
N CYS B 556 -0.67 38.60 9.52
CA CYS B 556 -1.75 39.44 8.97
C CYS B 556 -2.57 38.79 7.90
N ASN B 557 -2.26 37.55 7.51
CA ASN B 557 -2.99 36.85 6.46
C ASN B 557 -4.47 36.74 6.81
N VAL B 558 -5.34 37.30 5.94
CA VAL B 558 -6.76 37.36 6.23
C VAL B 558 -7.40 35.99 6.40
N ASN B 559 -6.95 34.97 5.67
CA ASN B 559 -7.52 33.63 5.82
C ASN B 559 -7.18 33.03 7.19
N ARG B 560 -5.95 33.30 7.68
CA ARG B 560 -5.48 32.87 8.98
C ARG B 560 -6.23 33.70 10.08
N PHE B 561 -6.42 35.02 9.84
CA PHE B 561 -7.14 35.85 10.80
C PHE B 561 -8.58 35.38 11.00
N ASN B 562 -9.24 35.04 9.87
CA ASN B 562 -10.60 34.51 9.78
C ASN B 562 -10.73 33.19 10.59
N VAL B 563 -9.75 32.28 10.44
CA VAL B 563 -9.75 30.99 11.15
C VAL B 563 -9.51 31.24 12.63
N ALA B 564 -8.57 32.12 12.97
CA ALA B 564 -8.28 32.41 14.37
C ALA B 564 -9.49 32.91 15.17
N ILE B 565 -10.20 33.93 14.69
CA ILE B 565 -11.29 34.50 15.46
C ILE B 565 -12.59 33.69 15.35
N THR B 566 -12.78 32.86 14.30
CA THR B 566 -13.99 32.02 14.20
C THR B 566 -13.90 30.69 14.96
N ARG B 567 -12.87 30.51 15.81
CA ARG B 567 -12.77 29.30 16.64
C ARG B 567 -13.68 29.38 17.88
N ALA B 568 -13.98 30.62 18.36
CA ALA B 568 -14.78 30.93 19.54
C ALA B 568 -16.28 30.79 19.36
N LYS B 569 -16.88 30.16 20.34
CA LYS B 569 -18.33 30.00 20.42
C LYS B 569 -18.91 31.10 21.35
N VAL B 570 -18.17 31.50 22.40
CA VAL B 570 -18.69 32.45 23.37
C VAL B 570 -17.93 33.80 23.43
N GLY B 571 -16.64 33.77 23.71
CA GLY B 571 -15.86 34.99 23.84
C GLY B 571 -14.49 34.84 23.25
N ILE B 572 -13.89 35.96 22.83
CA ILE B 572 -12.55 36.00 22.27
C ILE B 572 -11.83 37.24 22.79
N LEU B 573 -10.55 37.11 23.11
CA LEU B 573 -9.73 38.25 23.48
C LEU B 573 -8.66 38.29 22.38
N CYS B 574 -8.59 39.38 21.61
CA CYS B 574 -7.54 39.52 20.60
C CYS B 574 -6.51 40.57 21.00
N ILE B 575 -5.22 40.19 21.23
CA ILE B 575 -4.15 41.15 21.53
C ILE B 575 -3.49 41.32 20.18
N MET B 576 -3.77 42.45 19.52
CA MET B 576 -3.34 42.75 18.15
C MET B 576 -2.06 43.53 18.03
N SER B 577 -1.39 43.37 16.91
CA SER B 577 -0.16 44.07 16.54
C SER B 577 -0.42 44.97 15.29
N ASP B 578 -1.31 44.53 14.39
CA ASP B 578 -1.64 45.21 13.15
C ASP B 578 -2.77 46.18 13.41
N ARG B 579 -2.56 47.47 13.09
CA ARG B 579 -3.59 48.51 13.26
C ARG B 579 -4.80 48.21 12.35
N ASP B 580 -4.54 47.74 11.13
CA ASP B 580 -5.53 47.38 10.11
C ASP B 580 -6.55 46.36 10.63
N LEU B 581 -6.11 45.13 10.97
CA LEU B 581 -7.00 44.09 11.47
C LEU B 581 -7.58 44.44 12.85
N TYR B 582 -6.86 45.24 13.68
CA TYR B 582 -7.41 45.66 14.97
C TYR B 582 -8.68 46.52 14.72
N ASP B 583 -8.60 47.45 13.73
CA ASP B 583 -9.68 48.36 13.36
C ASP B 583 -10.86 47.63 12.73
N LYS B 584 -10.60 46.52 12.00
CA LYS B 584 -11.61 45.69 11.37
C LYS B 584 -12.37 44.85 12.41
N LEU B 585 -11.72 44.49 13.57
CA LEU B 585 -12.38 43.74 14.64
C LEU B 585 -13.56 44.55 15.23
N GLN B 586 -14.79 43.98 15.14
CA GLN B 586 -15.97 44.61 15.70
C GLN B 586 -16.20 44.07 17.10
N PHE B 587 -15.18 44.29 17.96
CA PHE B 587 -15.09 43.86 19.35
C PHE B 587 -14.95 45.08 20.26
N THR B 588 -15.28 44.91 21.52
CA THR B 588 -15.14 45.95 22.53
C THR B 588 -13.64 46.17 22.77
N SER B 589 -13.14 47.41 22.61
CA SER B 589 -11.73 47.68 22.87
C SER B 589 -11.43 47.79 24.37
N LEU B 590 -10.27 47.27 24.81
CA LEU B 590 -9.87 47.32 26.22
C LEU B 590 -8.62 48.22 26.37
N GLU B 591 -8.43 48.82 27.56
CA GLU B 591 -7.28 49.67 27.82
C GLU B 591 -6.07 48.81 28.29
N ILE B 592 -4.83 49.23 27.88
CA ILE B 592 -3.55 48.59 28.22
C ILE B 592 -3.14 48.87 29.67
N PRO B 593 -3.12 47.85 30.53
CA PRO B 593 -2.74 48.06 31.96
C PRO B 593 -1.26 48.36 32.22
#